data_4H58
#
_entry.id   4H58
#
_cell.length_a   204.740
_cell.length_b   204.740
_cell.length_c   152.950
_cell.angle_alpha   90.00
_cell.angle_beta   90.00
_cell.angle_gamma   90.00
#
_symmetry.space_group_name_H-M   'I 41 2 2'
#
loop_
_entity.id
_entity.type
_entity.pdbx_description
1 polymer 'Serine/threonine-protein kinase B-raf'
2 non-polymer N-(4-{[(2-methoxyethyl)amino]methyl}phenyl)-6-(pyridin-4-yl)quinazolin-2-amine
3 non-polymer 'CHLORIDE ION'
4 water water
#
_entity_poly.entity_id   1
_entity_poly.type   'polypeptide(L)'
_entity_poly.pdbx_seq_one_letter_code
;DDWEIPDGQITVGQRIGSGSFGTVYKGKWHGDVAVKMLNVTAPTPQQLQAFKNEVGVLRKTRHVNILLFMGYSTKPQLAI
VTQWCEGSSLYHHLHIIETKFEMIKLIDIARQTAQGMDYLHAKSIIHRDLKSNNIFLHEDLTVKIGDFGLATVKSRWSGS
HQFEQLSGSILWMAPEVIRMQDKNPYSFQSDVYAFGIVLYELMTGQLPYSNINNRDQIIFMVGRGYLSPDLSKVRSNCPK
AMKRLMAECLKKKRDERPLFPQILASIELLARSLP
;
_entity_poly.pdbx_strand_id   A,B,C
#
# COMPACT_ATOMS: atom_id res chain seq x y z
N ASP A 1 15.22 1.20 -0.51
CA ASP A 1 15.39 0.82 0.93
C ASP A 1 16.81 0.34 1.21
N ASP A 2 17.29 0.60 2.43
CA ASP A 2 18.55 0.06 2.88
C ASP A 2 18.32 -0.72 4.17
N TRP A 3 18.52 -2.04 4.09
CA TRP A 3 18.37 -2.94 5.24
C TRP A 3 19.70 -3.23 5.93
N GLU A 4 20.74 -2.48 5.58
CA GLU A 4 22.02 -2.71 6.25
C GLU A 4 21.85 -2.38 7.71
N ILE A 5 22.30 -3.28 8.57
CA ILE A 5 22.16 -3.09 10.00
C ILE A 5 23.49 -2.63 10.57
N PRO A 6 23.55 -1.37 11.04
CA PRO A 6 24.72 -0.78 11.69
C PRO A 6 25.43 -1.66 12.71
N ASP A 7 26.72 -1.41 12.86
CA ASP A 7 27.57 -2.13 13.80
C ASP A 7 27.06 -2.00 15.22
N GLY A 8 27.45 -2.96 16.06
CA GLY A 8 27.09 -2.95 17.47
C GLY A 8 25.67 -3.38 17.78
N GLN A 9 24.76 -3.32 16.81
CA GLN A 9 23.34 -3.50 17.10
C GLN A 9 22.95 -4.92 17.59
N ILE A 10 23.67 -5.94 17.13
CA ILE A 10 23.28 -7.34 17.35
C ILE A 10 24.02 -7.95 18.55
N THR A 11 23.32 -8.82 19.30
CA THR A 11 23.93 -9.61 20.38
C THR A 11 23.84 -11.09 20.01
N VAL A 12 24.96 -11.63 19.49
CA VAL A 12 24.97 -13.00 18.95
C VAL A 12 25.10 -14.02 20.08
N GLY A 13 24.42 -15.16 19.93
CA GLY A 13 24.34 -16.17 21.00
C GLY A 13 24.74 -17.57 20.54
N GLN A 14 23.94 -18.57 20.93
CA GLN A 14 24.34 -19.97 20.83
C GLN A 14 24.35 -20.50 19.39
N ARG A 15 25.37 -21.31 19.05
CA ARG A 15 25.47 -21.96 17.73
C ARG A 15 24.24 -22.83 17.41
N ILE A 16 24.00 -23.06 16.12
CA ILE A 16 22.82 -23.80 15.66
C ILE A 16 23.12 -24.75 14.49
N GLY A 17 23.88 -24.27 13.51
CA GLY A 17 24.29 -25.10 12.37
C GLY A 17 25.35 -24.39 11.54
N SER A 18 25.83 -25.06 10.49
CA SER A 18 26.75 -24.45 9.54
C SER A 18 26.06 -24.21 8.19
N GLY A 19 25.43 -23.04 8.05
CA GLY A 19 24.69 -22.66 6.84
C GLY A 19 25.58 -22.37 5.63
N SER A 20 25.00 -22.47 4.43
CA SER A 20 25.73 -22.41 3.15
C SER A 20 27.05 -21.61 3.20
N PHE A 21 26.98 -20.35 3.63
CA PHE A 21 28.15 -19.46 3.64
C PHE A 21 28.85 -19.30 5.02
N GLY A 22 28.36 -19.99 6.05
CA GLY A 22 28.99 -19.90 7.37
C GLY A 22 28.27 -20.62 8.50
N THR A 23 28.08 -19.93 9.63
CA THR A 23 27.54 -20.52 10.85
C THR A 23 26.31 -19.74 11.35
N VAL A 24 25.26 -20.46 11.73
CA VAL A 24 24.04 -19.85 12.27
C VAL A 24 24.08 -19.80 13.79
N TYR A 25 23.58 -18.71 14.38
CA TYR A 25 23.39 -18.63 15.81
C TYR A 25 22.02 -18.04 16.12
N LYS A 26 21.57 -18.20 17.37
CA LYS A 26 20.46 -17.42 17.89
C LYS A 26 21.07 -16.08 18.28
N GLY A 27 20.30 -15.00 18.16
CA GLY A 27 20.79 -13.66 18.47
C GLY A 27 19.67 -12.72 18.85
N LYS A 28 20.02 -11.48 19.17
CA LYS A 28 19.01 -10.49 19.54
C LYS A 28 19.18 -9.17 18.80
N TRP A 29 18.03 -8.66 18.33
CA TRP A 29 17.92 -7.44 17.52
C TRP A 29 16.42 -7.17 17.35
N HIS A 30 15.87 -6.21 18.10
CA HIS A 30 14.41 -6.03 18.21
C HIS A 30 13.67 -7.37 18.37
N GLY A 31 14.18 -8.20 19.27
CA GLY A 31 13.61 -9.50 19.55
C GLY A 31 14.56 -10.60 19.16
N ASP A 32 14.10 -11.84 19.25
CA ASP A 32 14.88 -12.99 18.83
C ASP A 32 14.99 -13.03 17.31
N VAL A 33 16.21 -13.31 16.84
CA VAL A 33 16.47 -13.49 15.41
C VAL A 33 17.39 -14.68 15.16
N ALA A 34 17.57 -15.02 13.90
CA ALA A 34 18.59 -15.95 13.46
C ALA A 34 19.64 -15.13 12.73
N VAL A 35 20.91 -15.51 12.86
CA VAL A 35 21.99 -14.82 12.16
C VAL A 35 22.93 -15.80 11.46
N LYS A 36 22.74 -15.99 10.16
CA LYS A 36 23.67 -16.76 9.33
C LYS A 36 24.86 -15.86 9.06
N MET A 37 26.07 -16.40 9.17
CA MET A 37 27.24 -15.54 9.30
C MET A 37 28.58 -16.24 9.06
N LEU A 38 29.40 -15.63 8.20
CA LEU A 38 30.77 -16.06 7.93
C LEU A 38 31.75 -15.55 9.00
N ASN A 39 32.36 -16.48 9.74
CA ASN A 39 33.25 -16.16 10.89
C ASN A 39 34.57 -15.45 10.58
N VAL A 40 34.99 -15.48 9.32
CA VAL A 40 36.26 -14.89 8.93
C VAL A 40 35.99 -13.53 8.25
N THR A 41 36.79 -12.52 8.61
CA THR A 41 36.78 -11.22 7.90
C THR A 41 37.79 -11.28 6.72
N ALA A 42 38.38 -12.45 6.52
CA ALA A 42 39.03 -12.82 5.26
C ALA A 42 37.95 -13.31 4.29
N PRO A 43 37.37 -12.39 3.49
CA PRO A 43 36.23 -12.72 2.65
C PRO A 43 36.54 -12.59 1.14
N THR A 44 36.97 -13.67 0.50
CA THR A 44 37.30 -13.60 -0.94
C THR A 44 36.05 -13.25 -1.75
N PRO A 45 36.22 -12.45 -2.83
CA PRO A 45 35.15 -12.16 -3.80
C PRO A 45 34.33 -13.37 -4.31
N GLN A 46 34.70 -14.58 -3.89
CA GLN A 46 33.85 -15.77 -4.06
C GLN A 46 32.80 -15.84 -2.92
N GLN A 47 33.27 -15.65 -1.68
CA GLN A 47 32.42 -15.58 -0.50
C GLN A 47 31.58 -14.29 -0.48
N LEU A 48 32.27 -13.16 -0.72
CA LEU A 48 31.64 -11.83 -0.67
C LEU A 48 30.68 -11.53 -1.84
N GLN A 49 30.70 -12.39 -2.88
CA GLN A 49 29.75 -12.27 -3.98
C GLN A 49 28.53 -13.19 -3.76
N ALA A 50 28.73 -14.32 -3.10
CA ALA A 50 27.63 -15.19 -2.70
C ALA A 50 26.70 -14.42 -1.77
N PHE A 51 27.29 -13.87 -0.71
CA PHE A 51 26.61 -13.02 0.27
C PHE A 51 25.78 -11.93 -0.41
N LYS A 52 26.39 -11.18 -1.31
CA LYS A 52 25.71 -10.10 -2.01
C LYS A 52 24.51 -10.63 -2.77
N ASN A 53 24.60 -11.87 -3.24
CA ASN A 53 23.53 -12.48 -4.01
C ASN A 53 22.39 -13.04 -3.16
N GLU A 54 22.72 -13.71 -2.06
CA GLU A 54 21.69 -14.22 -1.14
C GLU A 54 20.76 -13.10 -0.66
N VAL A 55 21.39 -11.99 -0.24
CA VAL A 55 20.68 -10.80 0.22
C VAL A 55 19.77 -10.24 -0.86
N GLY A 56 20.27 -10.24 -2.09
CA GLY A 56 19.49 -9.74 -3.22
C GLY A 56 18.22 -10.53 -3.46
N VAL A 57 18.22 -11.79 -3.02
CA VAL A 57 17.07 -12.70 -3.17
C VAL A 57 16.13 -12.55 -1.98
N LEU A 58 16.71 -12.71 -0.79
CA LEU A 58 16.00 -12.53 0.47
C LEU A 58 15.21 -11.21 0.51
N ARG A 59 15.75 -10.15 -0.07
CA ARG A 59 15.09 -8.85 -0.06
C ARG A 59 13.92 -8.74 -1.05
N LYS A 60 13.66 -9.80 -1.82
CA LYS A 60 12.51 -9.83 -2.73
C LYS A 60 11.39 -10.70 -2.19
N THR A 61 11.61 -11.29 -1.02
CA THR A 61 10.66 -12.23 -0.45
C THR A 61 9.93 -11.58 0.71
N ARG A 62 8.65 -11.31 0.50
CA ARG A 62 7.77 -10.85 1.56
C ARG A 62 6.53 -11.72 1.49
N HIS A 63 6.51 -12.78 2.28
CA HIS A 63 5.41 -13.77 2.26
C HIS A 63 5.35 -14.51 3.58
N VAL A 64 4.15 -14.93 3.95
CA VAL A 64 3.96 -15.55 5.25
C VAL A 64 4.79 -16.83 5.35
N ASN A 65 4.80 -17.60 4.26
CA ASN A 65 5.50 -18.88 4.17
C ASN A 65 6.99 -18.83 3.74
N ILE A 66 7.57 -17.65 3.58
CA ILE A 66 9.02 -17.52 3.40
C ILE A 66 9.58 -16.94 4.69
N LEU A 67 10.75 -17.40 5.09
CA LEU A 67 11.36 -16.90 6.31
C LEU A 67 11.68 -15.42 6.14
N LEU A 68 11.20 -14.63 7.09
CA LEU A 68 11.34 -13.19 7.02
C LEU A 68 12.81 -12.75 7.11
N PHE A 69 13.31 -12.24 6.00
CA PHE A 69 14.54 -11.46 5.98
C PHE A 69 14.33 -10.13 6.72
N MET A 70 15.33 -9.71 7.50
CA MET A 70 15.26 -8.45 8.26
C MET A 70 16.43 -7.49 7.97
N GLY A 71 17.65 -8.01 7.90
CA GLY A 71 18.80 -7.18 7.47
C GLY A 71 20.13 -7.89 7.35
N TYR A 72 21.16 -7.13 6.97
CA TYR A 72 22.53 -7.66 6.81
C TYR A 72 23.60 -6.78 7.45
N SER A 73 24.55 -7.42 8.11
CA SER A 73 25.78 -6.78 8.55
C SER A 73 26.90 -7.05 7.53
N THR A 74 27.85 -6.12 7.43
CA THR A 74 29.08 -6.33 6.66
C THR A 74 30.22 -6.43 7.68
N LYS A 75 30.46 -5.34 8.40
CA LYS A 75 31.30 -5.35 9.58
C LYS A 75 30.49 -5.92 10.76
N PRO A 76 31.13 -6.60 11.73
CA PRO A 76 32.52 -7.06 11.77
C PRO A 76 32.73 -8.26 10.86
N GLN A 77 31.82 -9.22 10.98
CA GLN A 77 31.74 -10.40 10.13
C GLN A 77 30.51 -10.20 9.22
N LEU A 78 30.52 -10.84 8.05
CA LEU A 78 29.35 -10.81 7.18
C LEU A 78 28.22 -11.57 7.85
N ALA A 79 27.01 -11.00 7.78
CA ALA A 79 25.86 -11.58 8.45
C ALA A 79 24.52 -11.26 7.78
N ILE A 80 23.63 -12.25 7.82
CA ILE A 80 22.25 -12.12 7.37
C ILE A 80 21.36 -12.44 8.58
N VAL A 81 20.26 -11.69 8.71
CA VAL A 81 19.35 -11.78 9.86
C VAL A 81 17.92 -12.10 9.43
N THR A 82 17.24 -12.96 10.18
CA THR A 82 15.89 -13.39 9.87
C THR A 82 15.05 -13.61 11.13
N GLN A 83 13.75 -13.77 10.97
CA GLN A 83 12.88 -14.16 12.09
C GLN A 83 13.34 -15.49 12.69
N TRP A 84 13.09 -15.65 13.99
CA TRP A 84 13.44 -16.86 14.70
C TRP A 84 12.21 -17.76 14.82
N CYS A 85 12.29 -18.99 14.33
CA CYS A 85 11.15 -19.89 14.39
C CYS A 85 11.13 -20.78 15.63
N GLU A 86 10.23 -20.43 16.55
CA GLU A 86 9.89 -21.25 17.71
C GLU A 86 9.29 -22.57 17.23
N GLY A 87 10.09 -23.64 17.18
CA GLY A 87 9.60 -24.94 16.70
C GLY A 87 10.56 -25.79 15.88
N SER A 88 11.64 -25.18 15.40
CA SER A 88 12.68 -25.92 14.70
C SER A 88 12.23 -26.31 13.28
N SER A 89 13.06 -27.09 12.59
CA SER A 89 12.79 -27.48 11.22
C SER A 89 11.84 -28.65 11.17
N LEU A 90 11.24 -28.83 10.00
CA LEU A 90 10.42 -29.98 9.69
C LEU A 90 11.21 -31.30 9.78
N TYR A 91 12.51 -31.23 9.51
CA TYR A 91 13.38 -32.41 9.58
C TYR A 91 13.43 -32.92 11.00
N HIS A 92 13.70 -31.99 11.92
CA HIS A 92 13.76 -32.28 13.34
C HIS A 92 12.48 -32.98 13.82
N HIS A 93 11.33 -32.45 13.41
CA HIS A 93 10.04 -32.98 13.82
C HIS A 93 9.75 -34.35 13.27
N LEU A 94 10.01 -34.53 11.98
CA LEU A 94 9.76 -35.80 11.31
C LEU A 94 10.76 -36.90 11.67
N HIS A 95 12.04 -36.58 11.75
CA HIS A 95 13.06 -37.62 11.81
C HIS A 95 13.84 -37.67 13.11
N ILE A 96 14.02 -36.54 13.78
CA ILE A 96 14.81 -36.52 15.02
C ILE A 96 13.96 -36.85 16.26
N ILE A 97 12.82 -36.19 16.41
CA ILE A 97 11.92 -36.40 17.56
C ILE A 97 10.66 -37.18 17.14
N GLU A 98 10.50 -37.40 15.84
CA GLU A 98 9.48 -38.30 15.29
C GLU A 98 8.05 -37.89 15.60
N THR A 99 7.84 -36.59 15.80
CA THR A 99 6.51 -35.99 15.94
C THR A 99 5.49 -36.63 15.01
N LYS A 100 4.50 -37.33 15.58
CA LYS A 100 3.43 -37.96 14.79
C LYS A 100 2.33 -36.94 14.48
N PHE A 101 2.54 -36.17 13.42
CA PHE A 101 1.57 -35.16 13.03
C PHE A 101 0.28 -35.79 12.59
N GLU A 102 -0.83 -35.08 12.79
N GLU A 102 -0.77 -34.99 12.71
CA GLU A 102 -2.11 -35.54 12.26
CA GLU A 102 -2.12 -35.32 12.25
C GLU A 102 -2.08 -35.36 10.75
C GLU A 102 -2.08 -35.32 10.71
N MET A 103 -2.82 -36.20 10.04
CA MET A 103 -2.79 -36.24 8.58
C MET A 103 -3.31 -34.94 7.96
N ILE A 104 -4.12 -34.19 8.70
CA ILE A 104 -4.57 -32.90 8.19
C ILE A 104 -3.46 -31.86 8.29
N LYS A 105 -2.72 -31.87 9.39
CA LYS A 105 -1.60 -30.96 9.56
C LYS A 105 -0.50 -31.24 8.52
N LEU A 106 -0.24 -32.54 8.24
CA LEU A 106 0.66 -32.90 7.16
C LEU A 106 0.27 -32.24 5.86
N ILE A 107 -0.97 -32.47 5.43
CA ILE A 107 -1.48 -31.89 4.19
C ILE A 107 -1.35 -30.35 4.17
N ASP A 108 -1.52 -29.72 5.33
CA ASP A 108 -1.36 -28.26 5.44
C ASP A 108 0.09 -27.83 5.34
N ILE A 109 0.98 -28.54 6.03
CA ILE A 109 2.42 -28.29 5.92
C ILE A 109 2.83 -28.37 4.44
N ALA A 110 2.30 -29.36 3.73
CA ALA A 110 2.46 -29.44 2.28
C ALA A 110 1.86 -28.23 1.56
N ARG A 111 0.55 -28.03 1.72
CA ARG A 111 -0.12 -26.83 1.20
C ARG A 111 0.76 -25.59 1.32
N GLN A 112 1.14 -25.27 2.56
CA GLN A 112 1.90 -24.05 2.89
C GLN A 112 3.24 -24.01 2.19
N THR A 113 3.98 -25.12 2.26
CA THR A 113 5.27 -25.21 1.61
C THR A 113 5.13 -24.89 0.12
N ALA A 114 4.14 -25.51 -0.51
CA ALA A 114 3.79 -25.22 -1.91
C ALA A 114 3.51 -23.73 -2.15
N GLN A 115 2.81 -23.10 -1.21
CA GLN A 115 2.47 -21.68 -1.32
C GLN A 115 3.72 -20.80 -1.37
N GLY A 116 4.64 -21.05 -0.43
CA GLY A 116 5.91 -20.36 -0.39
C GLY A 116 6.66 -20.49 -1.70
N MET A 117 6.78 -21.72 -2.19
CA MET A 117 7.52 -22.00 -3.43
C MET A 117 6.86 -21.29 -4.60
N ASP A 118 5.55 -21.48 -4.71
CA ASP A 118 4.79 -20.83 -5.76
C ASP A 118 5.07 -19.34 -5.80
N TYR A 119 4.98 -18.70 -4.64
CA TYR A 119 5.31 -17.29 -4.51
C TYR A 119 6.74 -17.03 -4.99
N LEU A 120 7.68 -17.86 -4.51
CA LEU A 120 9.09 -17.80 -4.91
C LEU A 120 9.28 -17.90 -6.40
N HIS A 121 8.59 -18.87 -7.02
CA HIS A 121 8.72 -19.11 -8.46
C HIS A 121 8.02 -18.03 -9.29
N ALA A 122 6.96 -17.42 -8.77
CA ALA A 122 6.35 -16.27 -9.46
C ALA A 122 7.34 -15.09 -9.47
N LYS A 123 8.00 -14.87 -8.34
CA LYS A 123 9.06 -13.86 -8.25
C LYS A 123 10.31 -14.29 -9.05
N SER A 124 10.19 -15.43 -9.74
CA SER A 124 11.24 -15.96 -10.63
C SER A 124 12.50 -16.34 -9.87
N ILE A 125 12.30 -17.06 -8.76
CA ILE A 125 13.37 -17.48 -7.88
C ILE A 125 13.40 -19.00 -7.79
N ILE A 126 14.57 -19.60 -7.99
CA ILE A 126 14.77 -21.04 -7.77
C ILE A 126 15.49 -21.25 -6.44
N HIS A 127 14.86 -21.99 -5.55
CA HIS A 127 15.36 -22.12 -4.20
C HIS A 127 16.63 -22.92 -4.22
N ARG A 128 16.64 -24.01 -4.99
CA ARG A 128 17.82 -24.87 -5.21
C ARG A 128 18.34 -25.62 -3.99
N ASP A 129 17.65 -25.58 -2.87
CA ASP A 129 18.02 -26.41 -1.73
C ASP A 129 16.84 -26.64 -0.79
N LEU A 130 15.70 -26.97 -1.37
CA LEU A 130 14.51 -27.31 -0.60
C LEU A 130 14.76 -28.62 0.12
N LYS A 131 14.24 -28.74 1.33
CA LYS A 131 14.40 -29.94 2.14
C LYS A 131 13.88 -29.64 3.52
N SER A 132 13.33 -30.66 4.18
CA SER A 132 12.82 -30.51 5.54
C SER A 132 13.75 -29.65 6.40
N ASN A 133 15.04 -29.90 6.34
CA ASN A 133 16.04 -29.11 7.09
C ASN A 133 15.85 -27.59 6.98
N ASN A 134 15.55 -27.13 5.77
CA ASN A 134 15.39 -25.71 5.51
C ASN A 134 13.95 -25.20 5.62
N ILE A 135 13.00 -26.10 5.89
CA ILE A 135 11.61 -25.76 6.20
C ILE A 135 11.43 -25.66 7.71
N PHE A 136 11.07 -24.48 8.21
CA PHE A 136 10.96 -24.22 9.64
C PHE A 136 9.51 -24.08 10.07
N LEU A 137 9.22 -24.51 11.29
CA LEU A 137 7.86 -24.54 11.84
C LEU A 137 7.67 -23.50 12.95
N HIS A 138 6.70 -22.62 12.75
CA HIS A 138 6.55 -21.45 13.63
C HIS A 138 5.41 -21.67 14.60
N GLU A 139 5.77 -21.75 15.89
CA GLU A 139 4.84 -22.11 16.97
C GLU A 139 4.15 -23.42 16.59
N ASP A 140 4.98 -24.37 16.11
CA ASP A 140 4.56 -25.64 15.47
C ASP A 140 3.43 -25.57 14.40
N LEU A 141 3.03 -24.36 14.03
CA LEU A 141 1.78 -24.12 13.27
C LEU A 141 2.05 -23.67 11.81
N THR A 142 2.91 -22.67 11.64
CA THR A 142 3.13 -22.04 10.33
C THR A 142 4.48 -22.38 9.74
N VAL A 143 4.51 -22.60 8.42
CA VAL A 143 5.69 -23.01 7.67
C VAL A 143 6.49 -21.79 7.17
N LYS A 144 7.79 -21.79 7.44
CA LYS A 144 8.69 -20.75 6.93
C LYS A 144 9.85 -21.41 6.15
N ILE A 145 9.96 -21.10 4.87
CA ILE A 145 11.02 -21.65 4.01
C ILE A 145 12.36 -20.89 4.13
N GLY A 146 13.44 -21.64 4.31
CA GLY A 146 14.68 -21.08 4.81
C GLY A 146 15.84 -20.99 3.84
N ASP A 147 16.93 -21.69 4.16
CA ASP A 147 18.27 -21.40 3.59
C ASP A 147 18.27 -21.03 2.12
N PHE A 148 18.52 -19.75 1.83
CA PHE A 148 18.60 -19.25 0.47
C PHE A 148 20.04 -19.21 -0.06
N GLY A 149 20.97 -19.82 0.66
CA GLY A 149 22.39 -19.90 0.24
C GLY A 149 22.60 -20.08 -1.25
N LEU A 150 22.33 -21.27 -1.77
CA LEU A 150 22.12 -21.47 -3.20
C LEU A 150 20.74 -20.92 -3.39
N ALA A 151 20.52 -20.18 -4.46
CA ALA A 151 19.22 -19.60 -4.77
C ALA A 151 19.50 -18.59 -5.86
N THR A 152 18.55 -18.35 -6.74
CA THR A 152 18.87 -17.57 -7.92
C THR A 152 17.65 -17.16 -8.72
N VAL A 153 17.90 -16.35 -9.73
CA VAL A 153 16.88 -15.76 -10.56
C VAL A 153 17.38 -15.89 -12.01
N LYS A 154 16.50 -16.26 -12.95
CA LYS A 154 16.86 -16.35 -14.38
C LYS A 154 18.04 -17.32 -14.65
N SER A 167 27.58 -28.78 -1.81
CA SER A 167 26.24 -29.02 -1.27
C SER A 167 25.92 -30.54 -1.12
N GLY A 168 26.43 -31.15 -0.04
CA GLY A 168 26.26 -32.59 0.23
C GLY A 168 24.88 -33.11 0.64
N SER A 169 23.80 -32.38 0.31
CA SER A 169 22.42 -32.85 0.55
C SER A 169 21.77 -33.40 -0.71
N ILE A 170 21.87 -34.72 -0.88
CA ILE A 170 21.57 -35.40 -2.14
C ILE A 170 20.11 -35.82 -2.26
N LEU A 171 19.58 -36.34 -1.15
CA LEU A 171 18.27 -36.99 -1.15
C LEU A 171 17.15 -36.19 -1.82
N TRP A 172 17.29 -34.86 -1.90
CA TRP A 172 16.25 -34.01 -2.50
C TRP A 172 16.62 -33.53 -3.90
N MET A 173 17.71 -34.02 -4.44
CA MET A 173 18.16 -33.59 -5.75
C MET A 173 17.55 -34.43 -6.83
N ALA A 174 16.92 -33.77 -7.79
CA ALA A 174 16.38 -34.44 -8.97
C ALA A 174 17.56 -35.06 -9.70
N PRO A 175 17.29 -36.14 -10.46
CA PRO A 175 18.36 -36.83 -11.18
C PRO A 175 19.17 -35.93 -12.14
N GLU A 176 18.52 -35.05 -12.90
CA GLU A 176 19.28 -34.21 -13.85
C GLU A 176 20.26 -33.30 -13.16
N VAL A 177 19.96 -32.93 -11.93
CA VAL A 177 20.88 -32.15 -11.12
C VAL A 177 22.05 -33.04 -10.66
N ILE A 178 21.73 -34.28 -10.29
CA ILE A 178 22.77 -35.25 -9.94
C ILE A 178 23.62 -35.57 -11.16
N ARG A 179 23.01 -35.50 -12.35
CA ARG A 179 23.71 -35.82 -13.59
C ARG A 179 24.72 -34.76 -13.98
N MET A 180 24.27 -33.59 -14.45
CA MET A 180 25.14 -32.44 -14.79
C MET A 180 25.56 -32.28 -16.26
N GLN A 181 24.69 -31.75 -17.11
CA GLN A 181 25.21 -30.90 -18.20
C GLN A 181 24.37 -29.62 -18.43
N ASP A 182 25.02 -28.47 -18.18
CA ASP A 182 24.55 -27.11 -18.49
C ASP A 182 25.10 -25.98 -17.59
N LYS A 183 25.52 -26.31 -16.35
CA LYS A 183 25.63 -25.32 -15.24
C LYS A 183 24.22 -24.76 -14.90
N ASN A 184 23.20 -25.38 -15.52
CA ASN A 184 21.84 -24.88 -15.57
C ASN A 184 20.80 -26.05 -15.61
N PRO A 185 21.08 -27.16 -14.87
CA PRO A 185 20.08 -28.24 -14.76
C PRO A 185 18.94 -27.86 -13.81
N TYR A 186 19.18 -26.80 -13.04
CA TYR A 186 18.21 -26.27 -12.09
C TYR A 186 17.05 -25.59 -12.80
N SER A 187 15.85 -25.87 -12.32
CA SER A 187 14.66 -25.30 -12.88
C SER A 187 13.59 -25.22 -11.78
N PHE A 188 12.44 -24.68 -12.12
CA PHE A 188 11.32 -24.77 -11.21
C PHE A 188 11.01 -26.24 -10.96
N GLN A 189 11.22 -27.09 -11.96
CA GLN A 189 10.94 -28.52 -11.79
C GLN A 189 11.93 -29.26 -10.88
N SER A 190 13.19 -28.84 -10.88
CA SER A 190 14.16 -29.41 -9.95
C SER A 190 13.83 -29.04 -8.49
N ASP A 191 13.16 -27.88 -8.33
CA ASP A 191 12.56 -27.47 -7.05
C ASP A 191 11.35 -28.34 -6.75
N VAL A 192 10.51 -28.57 -7.76
CA VAL A 192 9.34 -29.44 -7.61
C VAL A 192 9.76 -30.83 -7.13
N TYR A 193 10.83 -31.36 -7.71
CA TYR A 193 11.31 -32.68 -7.30
C TYR A 193 11.73 -32.71 -5.82
N ALA A 194 12.43 -31.69 -5.35
CA ALA A 194 12.82 -31.65 -3.92
C ALA A 194 11.58 -31.56 -3.06
N PHE A 195 10.59 -30.79 -3.54
CA PHE A 195 9.29 -30.73 -2.89
C PHE A 195 8.64 -32.10 -2.86
N GLY A 196 8.86 -32.84 -3.94
CA GLY A 196 8.39 -34.21 -4.04
C GLY A 196 8.92 -35.01 -2.89
N ILE A 197 10.21 -34.87 -2.61
CA ILE A 197 10.84 -35.62 -1.56
C ILE A 197 10.39 -35.13 -0.16
N VAL A 198 9.90 -33.90 -0.07
CA VAL A 198 9.33 -33.42 1.20
C VAL A 198 7.95 -34.07 1.43
N LEU A 199 7.08 -34.08 0.42
CA LEU A 199 5.79 -34.81 0.52
C LEU A 199 5.97 -36.25 1.03
N TYR A 200 7.03 -36.92 0.55
CA TYR A 200 7.40 -38.28 0.97
C TYR A 200 7.88 -38.34 2.41
N GLU A 201 8.80 -37.45 2.76
CA GLU A 201 9.19 -37.29 4.16
C GLU A 201 7.98 -37.19 5.07
N LEU A 202 7.02 -36.34 4.67
CA LEU A 202 5.80 -36.06 5.44
C LEU A 202 4.87 -37.27 5.43
N MET A 203 4.57 -37.80 4.26
CA MET A 203 3.69 -38.98 4.15
C MET A 203 4.29 -40.33 4.64
N THR A 204 5.61 -40.43 4.78
CA THR A 204 6.18 -41.69 5.23
C THR A 204 6.82 -41.59 6.59
N GLY A 205 6.88 -40.39 7.16
CA GLY A 205 7.70 -40.12 8.35
C GLY A 205 9.15 -40.54 8.22
N GLN A 206 9.65 -40.57 6.99
CA GLN A 206 10.91 -41.24 6.67
C GLN A 206 11.66 -40.61 5.49
N LEU A 207 12.98 -40.59 5.59
CA LEU A 207 13.81 -40.20 4.47
C LEU A 207 13.72 -41.30 3.42
N PRO A 208 13.88 -40.94 2.13
CA PRO A 208 13.88 -41.99 1.10
C PRO A 208 15.13 -42.85 1.11
N TYR A 209 15.02 -44.04 0.56
CA TYR A 209 16.17 -44.92 0.31
C TYR A 209 16.90 -45.40 1.58
N SER A 210 16.16 -45.79 2.60
CA SER A 210 16.78 -46.26 3.83
C SER A 210 17.28 -47.71 3.73
N ASN A 211 16.68 -48.51 2.84
CA ASN A 211 17.20 -49.86 2.62
C ASN A 211 18.63 -49.82 2.10
N ILE A 212 18.93 -48.87 1.22
CA ILE A 212 20.31 -48.65 0.76
C ILE A 212 21.09 -47.89 1.82
N ASN A 213 22.32 -48.33 2.09
CA ASN A 213 23.13 -47.71 3.14
C ASN A 213 24.37 -46.99 2.66
N ASN A 214 24.54 -46.93 1.34
CA ASN A 214 25.73 -46.38 0.70
C ASN A 214 25.36 -45.15 -0.13
N ARG A 215 25.87 -43.99 0.29
CA ARG A 215 25.40 -42.71 -0.21
C ARG A 215 25.73 -42.51 -1.66
N ASP A 216 26.93 -42.94 -2.03
CA ASP A 216 27.42 -42.78 -3.40
C ASP A 216 26.59 -43.58 -4.40
N GLN A 217 26.13 -44.75 -3.97
CA GLN A 217 25.23 -45.56 -4.79
C GLN A 217 23.88 -44.86 -5.01
N ILE A 218 23.34 -44.29 -3.92
CA ILE A 218 22.10 -43.55 -4.02
C ILE A 218 22.24 -42.48 -5.09
N ILE A 219 23.37 -41.77 -5.06
CA ILE A 219 23.65 -40.68 -6.01
C ILE A 219 23.64 -41.22 -7.43
N PHE A 220 24.45 -42.27 -7.67
CA PHE A 220 24.58 -42.84 -9.00
C PHE A 220 23.24 -43.33 -9.54
N MET A 221 22.49 -44.03 -8.68
CA MET A 221 21.26 -44.71 -9.08
C MET A 221 20.12 -43.73 -9.37
N VAL A 222 19.95 -42.74 -8.52
CA VAL A 222 18.92 -41.74 -8.72
C VAL A 222 19.14 -41.05 -10.06
N GLY A 223 20.38 -40.61 -10.28
CA GLY A 223 20.74 -39.91 -11.51
C GLY A 223 20.45 -40.73 -12.77
N ARG A 224 20.69 -42.04 -12.68
CA ARG A 224 20.39 -42.97 -13.76
C ARG A 224 18.90 -43.26 -13.88
N GLY A 225 18.24 -43.39 -12.74
CA GLY A 225 16.81 -43.65 -12.71
C GLY A 225 16.54 -45.08 -12.30
N TYR A 226 17.45 -45.65 -11.55
CA TYR A 226 17.25 -46.99 -11.03
C TYR A 226 16.55 -46.91 -9.68
N LEU A 227 16.90 -45.89 -8.90
CA LEU A 227 16.32 -45.72 -7.59
C LEU A 227 15.23 -44.69 -7.65
N SER A 228 14.13 -44.93 -6.94
CA SER A 228 13.10 -43.92 -6.78
C SER A 228 12.21 -44.25 -5.59
N PRO A 229 11.71 -43.22 -4.89
CA PRO A 229 11.15 -43.45 -3.56
C PRO A 229 10.04 -44.47 -3.54
N ASP A 230 9.96 -45.25 -2.45
CA ASP A 230 8.94 -46.29 -2.33
C ASP A 230 7.64 -45.75 -1.76
N LEU A 231 6.69 -45.47 -2.65
CA LEU A 231 5.41 -44.85 -2.29
C LEU A 231 4.45 -45.77 -1.50
N SER A 232 4.70 -47.07 -1.54
CA SER A 232 3.94 -47.97 -0.69
C SER A 232 4.17 -47.62 0.79
N LYS A 233 5.26 -46.91 1.09
CA LYS A 233 5.61 -46.60 2.46
C LYS A 233 4.78 -45.48 3.06
N VAL A 234 3.91 -44.85 2.27
CA VAL A 234 2.94 -43.85 2.79
C VAL A 234 2.09 -44.41 3.95
N ARG A 235 1.48 -43.52 4.71
CA ARG A 235 0.53 -43.90 5.76
C ARG A 235 -0.80 -44.30 5.11
N SER A 236 -1.56 -45.15 5.80
CA SER A 236 -2.80 -45.73 5.25
C SER A 236 -3.79 -44.67 4.79
N ASN A 237 -4.09 -43.74 5.70
CA ASN A 237 -5.02 -42.63 5.45
C ASN A 237 -4.47 -41.51 4.56
N CYS A 238 -3.23 -41.64 4.08
CA CYS A 238 -2.76 -40.76 3.03
C CYS A 238 -3.68 -40.90 1.81
N PRO A 239 -4.32 -39.79 1.39
CA PRO A 239 -5.17 -39.84 0.19
C PRO A 239 -4.44 -40.29 -1.07
N LYS A 240 -5.16 -40.95 -1.96
CA LYS A 240 -4.56 -41.50 -3.17
C LYS A 240 -4.26 -40.39 -4.20
N ALA A 241 -4.76 -39.18 -3.93
CA ALA A 241 -4.47 -38.02 -4.77
C ALA A 241 -3.16 -37.40 -4.37
N MET A 242 -2.87 -37.48 -3.07
CA MET A 242 -1.59 -37.06 -2.56
C MET A 242 -0.54 -38.07 -3.00
N LYS A 243 -0.90 -39.36 -2.94
CA LYS A 243 -0.04 -40.43 -3.43
C LYS A 243 0.28 -40.25 -4.91
N ARG A 244 -0.73 -39.86 -5.67
CA ARG A 244 -0.60 -39.62 -7.10
C ARG A 244 0.20 -38.37 -7.42
N LEU A 245 0.25 -37.43 -6.48
CA LEU A 245 0.93 -36.14 -6.66
C LEU A 245 2.42 -36.23 -6.39
N MET A 246 2.79 -36.95 -5.35
CA MET A 246 4.18 -37.29 -5.13
C MET A 246 4.80 -37.79 -6.43
N ALA A 247 4.15 -38.79 -7.02
CA ALA A 247 4.56 -39.35 -8.30
C ALA A 247 4.83 -38.31 -9.39
N GLU A 248 3.97 -37.29 -9.48
CA GLU A 248 4.15 -36.17 -10.44
C GLU A 248 5.41 -35.34 -10.23
N CYS A 249 5.69 -35.04 -8.96
CA CYS A 249 6.87 -34.27 -8.60
C CYS A 249 8.15 -35.07 -8.67
N LEU A 250 8.03 -36.40 -8.52
CA LEU A 250 9.19 -37.26 -8.50
C LEU A 250 9.52 -37.86 -9.87
N LYS A 251 8.69 -37.55 -10.87
CA LYS A 251 8.91 -38.04 -12.23
C LYS A 251 10.33 -37.76 -12.72
N LYS A 252 11.07 -38.85 -12.91
CA LYS A 252 12.47 -38.86 -13.38
C LYS A 252 12.80 -37.81 -14.43
N LYS A 253 11.96 -37.66 -15.46
CA LYS A 253 12.22 -36.66 -16.48
C LYS A 253 11.54 -35.32 -16.14
N ARG A 254 12.37 -34.28 -16.05
CA ARG A 254 12.00 -32.92 -15.63
C ARG A 254 10.75 -32.36 -16.31
N ASP A 255 10.58 -32.69 -17.58
CA ASP A 255 9.51 -32.09 -18.38
C ASP A 255 8.13 -32.65 -18.03
N GLU A 256 8.08 -33.75 -17.27
CA GLU A 256 6.80 -34.34 -16.88
C GLU A 256 6.33 -33.88 -15.50
N ARG A 257 7.11 -33.02 -14.86
CA ARG A 257 6.78 -32.55 -13.51
C ARG A 257 5.95 -31.27 -13.55
N PRO A 258 4.90 -31.18 -12.71
CA PRO A 258 4.07 -29.98 -12.70
C PRO A 258 4.74 -28.81 -11.96
N LEU A 259 4.39 -27.59 -12.36
CA LEU A 259 4.85 -26.40 -11.68
C LEU A 259 3.87 -26.12 -10.54
N PHE A 260 4.28 -25.24 -9.63
CA PHE A 260 3.64 -25.15 -8.29
C PHE A 260 2.18 -24.70 -8.29
N PRO A 261 1.82 -23.78 -9.17
CA PRO A 261 0.39 -23.49 -9.33
C PRO A 261 -0.49 -24.74 -9.33
N GLN A 262 -0.24 -25.68 -10.25
CA GLN A 262 -1.08 -26.90 -10.38
C GLN A 262 -0.97 -27.84 -9.18
N ILE A 263 0.17 -27.79 -8.49
CA ILE A 263 0.39 -28.55 -7.27
C ILE A 263 -0.47 -27.99 -6.15
N LEU A 264 -0.40 -26.68 -5.94
CA LEU A 264 -1.23 -26.00 -4.95
C LEU A 264 -2.66 -26.46 -5.13
N ALA A 265 -3.18 -26.24 -6.33
CA ALA A 265 -4.56 -26.54 -6.67
C ALA A 265 -4.95 -27.96 -6.28
N SER A 266 -4.06 -28.91 -6.58
CA SER A 266 -4.29 -30.33 -6.28
C SER A 266 -4.30 -30.62 -4.78
N ILE A 267 -3.41 -29.97 -4.04
CA ILE A 267 -3.37 -30.14 -2.59
C ILE A 267 -4.61 -29.46 -1.99
N GLU A 268 -4.95 -28.28 -2.52
CA GLU A 268 -6.17 -27.58 -2.15
C GLU A 268 -7.39 -28.47 -2.38
N LEU A 269 -7.57 -28.93 -3.61
CA LEU A 269 -8.70 -29.80 -3.98
C LEU A 269 -8.81 -31.03 -3.07
N LEU A 270 -7.67 -31.64 -2.74
CA LEU A 270 -7.68 -32.84 -1.93
C LEU A 270 -7.88 -32.50 -0.44
N ALA A 271 -7.48 -31.31 -0.02
CA ALA A 271 -7.78 -30.84 1.34
C ALA A 271 -9.30 -30.72 1.57
N ARG A 272 -10.03 -30.46 0.51
CA ARG A 272 -11.49 -30.26 0.55
C ARG A 272 -12.28 -31.56 0.70
N SER A 273 -11.77 -32.66 0.11
CA SER A 273 -12.47 -33.95 0.07
C SER A 273 -12.06 -34.85 1.24
N LEU A 274 -11.97 -34.26 2.44
CA LEU A 274 -11.14 -34.82 3.51
C LEU A 274 -11.89 -35.00 4.84
N PRO A 275 -11.79 -36.20 5.47
CA PRO A 275 -12.60 -36.53 6.67
C PRO A 275 -12.30 -35.62 7.87
N ASP B 1 -26.47 12.62 -0.66
CA ASP B 1 -27.80 13.10 -1.19
C ASP B 1 -28.11 12.35 -2.49
N ASP B 2 -29.16 12.79 -3.19
CA ASP B 2 -29.44 12.27 -4.52
C ASP B 2 -29.59 13.40 -5.55
N TRP B 3 -28.69 13.43 -6.52
CA TRP B 3 -28.76 14.40 -7.60
C TRP B 3 -29.38 13.84 -8.87
N GLU B 4 -29.86 12.60 -8.80
CA GLU B 4 -30.52 12.00 -9.94
C GLU B 4 -31.83 12.74 -10.22
N ILE B 5 -32.03 13.14 -11.46
CA ILE B 5 -33.26 13.76 -11.88
C ILE B 5 -34.09 12.67 -12.52
N PRO B 6 -35.29 12.41 -11.98
CA PRO B 6 -36.16 11.41 -12.62
C PRO B 6 -36.58 11.86 -14.01
N ASP B 7 -36.51 10.95 -14.99
CA ASP B 7 -36.77 11.36 -16.38
C ASP B 7 -38.26 11.59 -16.62
N GLY B 8 -38.56 12.32 -17.69
CA GLY B 8 -39.87 12.90 -17.92
C GLY B 8 -39.84 14.37 -17.52
N GLN B 9 -39.05 14.68 -16.50
CA GLN B 9 -38.99 16.04 -15.97
C GLN B 9 -38.22 17.01 -16.84
N ILE B 10 -37.05 16.59 -17.33
CA ILE B 10 -36.28 17.44 -18.24
C ILE B 10 -37.03 17.59 -19.57
N THR B 11 -36.96 18.78 -20.17
CA THR B 11 -37.46 18.94 -21.54
C THR B 11 -36.45 19.72 -22.37
N VAL B 12 -35.68 18.97 -23.15
CA VAL B 12 -34.69 19.49 -24.10
C VAL B 12 -35.30 20.30 -25.24
N GLY B 13 -34.60 21.35 -25.64
CA GLY B 13 -35.04 22.19 -26.76
C GLY B 13 -33.90 22.42 -27.72
N GLN B 14 -33.58 23.68 -28.01
CA GLN B 14 -32.50 24.03 -28.93
C GLN B 14 -31.26 23.19 -28.70
N ARG B 15 -30.61 22.78 -29.78
CA ARG B 15 -29.26 22.18 -29.70
C ARG B 15 -28.20 23.27 -29.74
N ILE B 16 -27.16 23.11 -28.93
CA ILE B 16 -26.13 24.16 -28.79
C ILE B 16 -24.77 23.72 -29.25
N GLY B 17 -24.54 22.42 -29.27
CA GLY B 17 -23.39 21.87 -29.96
C GLY B 17 -22.83 20.69 -29.23
N SER B 18 -21.60 20.32 -29.59
CA SER B 18 -20.88 19.23 -28.93
C SER B 18 -20.07 19.77 -27.71
N GLY B 19 -19.98 18.91 -26.69
CA GLY B 19 -19.08 19.10 -25.56
C GLY B 19 -18.35 17.78 -25.33
N SER B 20 -17.13 17.87 -24.82
CA SER B 20 -16.33 16.70 -24.44
C SER B 20 -16.89 15.37 -25.00
N PHE B 21 -17.69 14.66 -24.21
CA PHE B 21 -18.21 13.34 -24.61
C PHE B 21 -19.74 13.39 -24.73
N GLY B 22 -20.26 14.30 -25.53
CA GLY B 22 -21.70 14.36 -25.74
C GLY B 22 -22.21 15.53 -26.55
N THR B 23 -23.52 15.67 -26.60
CA THR B 23 -24.16 16.74 -27.36
C THR B 23 -24.95 17.55 -26.35
N VAL B 24 -24.92 18.86 -26.51
CA VAL B 24 -25.35 19.76 -25.45
C VAL B 24 -26.50 20.62 -25.92
N TYR B 25 -27.64 20.48 -25.25
CA TYR B 25 -28.87 21.25 -25.56
C TYR B 25 -29.20 22.31 -24.52
N LYS B 26 -29.79 23.41 -24.95
CA LYS B 26 -30.53 24.26 -24.04
C LYS B 26 -31.82 23.52 -23.68
N GLY B 27 -32.18 23.56 -22.41
CA GLY B 27 -33.26 22.74 -21.88
C GLY B 27 -34.09 23.53 -20.91
N LYS B 28 -34.95 22.80 -20.20
CA LYS B 28 -35.89 23.35 -19.25
C LYS B 28 -36.12 22.36 -18.13
N TRP B 29 -35.60 22.69 -16.95
CA TRP B 29 -35.83 21.93 -15.72
C TRP B 29 -35.71 22.93 -14.57
N HIS B 30 -36.86 23.35 -14.06
CA HIS B 30 -36.95 24.38 -13.02
C HIS B 30 -36.31 25.67 -13.50
N GLY B 31 -36.57 25.97 -14.77
CA GLY B 31 -35.97 27.08 -15.48
C GLY B 31 -35.03 26.62 -16.56
N ASP B 32 -34.46 27.57 -17.27
CA ASP B 32 -33.51 27.27 -18.32
C ASP B 32 -32.38 26.44 -17.72
N VAL B 33 -32.08 25.31 -18.36
CA VAL B 33 -30.87 24.54 -18.03
C VAL B 33 -30.07 24.23 -19.29
N ALA B 34 -28.90 23.68 -19.10
CA ALA B 34 -28.11 23.14 -20.16
C ALA B 34 -28.12 21.66 -19.91
N VAL B 35 -28.23 20.87 -20.97
CA VAL B 35 -28.23 19.42 -20.84
C VAL B 35 -27.18 18.84 -21.76
N LYS B 36 -26.28 18.03 -21.22
CA LYS B 36 -25.29 17.35 -22.02
C LYS B 36 -25.68 15.90 -22.02
N MET B 37 -26.06 15.44 -23.22
CA MET B 37 -26.50 14.08 -23.46
C MET B 37 -25.35 13.30 -24.07
N LEU B 38 -25.07 12.12 -23.52
CA LEU B 38 -23.78 11.47 -23.82
C LEU B 38 -23.86 10.46 -24.98
N ASN B 39 -25.01 9.83 -25.22
CA ASN B 39 -25.22 9.12 -26.50
C ASN B 39 -26.68 9.02 -26.92
N VAL B 40 -26.89 8.47 -28.12
CA VAL B 40 -28.20 8.30 -28.75
C VAL B 40 -28.80 6.90 -28.49
N THR B 41 -27.96 5.86 -28.49
CA THR B 41 -28.35 4.54 -27.97
C THR B 41 -27.42 4.18 -26.83
N ALA B 42 -27.57 2.95 -26.33
CA ALA B 42 -26.69 2.41 -25.31
C ALA B 42 -25.26 2.91 -25.48
N PRO B 43 -24.69 3.44 -24.41
CA PRO B 43 -23.35 4.00 -24.53
C PRO B 43 -22.23 2.97 -24.48
N THR B 44 -21.16 3.23 -25.24
CA THR B 44 -19.89 2.52 -25.05
C THR B 44 -19.49 2.56 -23.59
N PRO B 45 -18.88 1.49 -23.07
CA PRO B 45 -18.53 1.58 -21.65
C PRO B 45 -17.37 2.56 -21.39
N GLN B 46 -16.77 3.11 -22.45
CA GLN B 46 -15.82 4.22 -22.33
C GLN B 46 -16.56 5.52 -22.01
N GLN B 47 -17.63 5.79 -22.76
CA GLN B 47 -18.56 6.91 -22.46
C GLN B 47 -19.14 6.76 -21.07
N LEU B 48 -19.77 5.62 -20.81
CA LEU B 48 -20.43 5.40 -19.53
C LEU B 48 -19.46 5.65 -18.37
N GLN B 49 -18.17 5.46 -18.60
CA GLN B 49 -17.18 5.81 -17.59
C GLN B 49 -17.00 7.31 -17.50
N ALA B 50 -16.62 7.94 -18.61
CA ALA B 50 -16.47 9.39 -18.66
C ALA B 50 -17.63 10.10 -17.96
N PHE B 51 -18.83 9.58 -18.15
CA PHE B 51 -20.03 10.13 -17.50
C PHE B 51 -19.96 10.07 -16.00
N LYS B 52 -19.62 8.90 -15.47
CA LYS B 52 -19.51 8.70 -14.04
C LYS B 52 -18.38 9.57 -13.47
N ASN B 53 -17.22 9.53 -14.08
CA ASN B 53 -16.15 10.48 -13.77
C ASN B 53 -16.61 11.93 -13.81
N GLU B 54 -17.39 12.33 -14.81
CA GLU B 54 -17.77 13.73 -14.90
C GLU B 54 -18.69 14.07 -13.75
N VAL B 55 -19.70 13.24 -13.52
CA VAL B 55 -20.65 13.49 -12.43
C VAL B 55 -19.92 13.46 -11.10
N GLY B 56 -19.14 12.42 -10.86
CA GLY B 56 -18.40 12.32 -9.61
C GLY B 56 -17.64 13.58 -9.26
N VAL B 57 -16.93 14.12 -10.24
CA VAL B 57 -16.14 15.32 -10.02
C VAL B 57 -17.00 16.57 -9.88
N LEU B 58 -17.97 16.75 -10.76
CA LEU B 58 -18.80 17.97 -10.73
C LEU B 58 -19.47 18.22 -9.39
N ARG B 59 -20.04 17.18 -8.80
CA ARG B 59 -20.71 17.28 -7.50
C ARG B 59 -19.80 17.57 -6.29
N LYS B 60 -18.51 17.79 -6.51
CA LYS B 60 -17.62 18.24 -5.43
C LYS B 60 -17.34 19.72 -5.59
N THR B 61 -18.13 20.39 -6.45
CA THR B 61 -17.90 21.80 -6.72
C THR B 61 -19.14 22.62 -6.38
N ARG B 62 -18.94 23.63 -5.54
CA ARG B 62 -19.91 24.68 -5.31
C ARG B 62 -19.10 25.95 -5.25
N HIS B 63 -19.21 26.76 -6.30
CA HIS B 63 -18.40 27.97 -6.46
C HIS B 63 -18.91 28.78 -7.66
N VAL B 64 -18.89 30.10 -7.55
CA VAL B 64 -19.49 30.99 -8.56
C VAL B 64 -18.68 30.96 -9.87
N ASN B 65 -17.43 30.54 -9.82
CA ASN B 65 -16.66 30.46 -11.03
C ASN B 65 -16.52 29.05 -11.59
N ILE B 66 -17.41 28.15 -11.20
CA ILE B 66 -17.39 26.79 -11.67
C ILE B 66 -18.81 26.46 -12.07
N LEU B 67 -18.99 25.98 -13.29
CA LEU B 67 -20.34 25.79 -13.82
C LEU B 67 -21.20 24.94 -12.89
N LEU B 68 -22.35 25.47 -12.51
CA LEU B 68 -23.16 24.80 -11.51
C LEU B 68 -23.76 23.49 -12.00
N PHE B 69 -23.20 22.39 -11.53
CA PHE B 69 -23.84 21.08 -11.67
C PHE B 69 -25.20 21.07 -10.96
N MET B 70 -26.23 20.56 -11.62
CA MET B 70 -27.58 20.53 -11.04
C MET B 70 -28.18 19.12 -10.94
N GLY B 71 -27.68 18.21 -11.78
CA GLY B 71 -28.10 16.82 -11.69
C GLY B 71 -27.79 16.01 -12.93
N TYR B 72 -28.06 14.71 -12.83
CA TYR B 72 -27.88 13.79 -13.95
C TYR B 72 -29.13 12.96 -14.18
N SER B 73 -29.31 12.52 -15.42
CA SER B 73 -30.31 11.51 -15.76
C SER B 73 -29.63 10.17 -16.00
N THR B 74 -30.37 9.09 -15.76
CA THR B 74 -29.80 7.74 -15.80
C THR B 74 -30.20 6.93 -17.04
N LYS B 75 -29.51 5.79 -17.17
CA LYS B 75 -29.80 4.75 -18.18
C LYS B 75 -31.30 4.48 -18.30
N PRO B 76 -31.83 4.39 -19.54
CA PRO B 76 -31.03 4.50 -20.79
C PRO B 76 -30.66 5.96 -21.15
N GLN B 77 -31.39 6.93 -20.58
CA GLN B 77 -31.31 8.40 -20.86
C GLN B 77 -29.89 9.00 -20.91
N LEU B 78 -29.18 8.93 -19.78
CA LEU B 78 -27.76 9.35 -19.66
C LEU B 78 -27.45 10.78 -20.06
N ALA B 79 -27.69 11.72 -19.14
CA ALA B 79 -27.40 13.14 -19.35
C ALA B 79 -26.97 13.85 -18.09
N ILE B 80 -26.36 15.00 -18.27
CA ILE B 80 -25.87 15.85 -17.19
C ILE B 80 -26.47 17.25 -17.32
N VAL B 81 -27.21 17.69 -16.30
CA VAL B 81 -27.83 19.01 -16.30
C VAL B 81 -26.95 20.01 -15.53
N THR B 82 -26.76 21.18 -16.11
CA THR B 82 -26.13 22.28 -15.41
C THR B 82 -26.99 23.54 -15.54
N GLN B 83 -26.48 24.64 -14.99
CA GLN B 83 -27.15 25.91 -15.17
C GLN B 83 -26.98 26.37 -16.60
N TRP B 84 -27.87 27.25 -17.05
CA TRP B 84 -27.75 27.87 -18.36
C TRP B 84 -26.89 29.13 -18.25
N CYS B 85 -26.15 29.48 -19.30
CA CYS B 85 -25.46 30.78 -19.31
C CYS B 85 -25.83 31.67 -20.49
N GLU B 86 -26.42 32.82 -20.20
CA GLU B 86 -26.38 33.93 -21.12
C GLU B 86 -24.89 34.24 -21.36
N GLY B 87 -24.44 34.18 -22.60
CA GLY B 87 -23.06 34.55 -22.92
C GLY B 87 -22.43 33.76 -24.05
N SER B 88 -21.10 33.66 -24.02
CA SER B 88 -20.37 32.82 -24.97
C SER B 88 -18.97 32.61 -24.41
N SER B 89 -18.31 31.52 -24.81
CA SER B 89 -16.99 31.19 -24.30
C SER B 89 -16.04 32.37 -24.44
N LEU B 90 -15.01 32.39 -23.63
CA LEU B 90 -14.01 33.42 -23.75
C LEU B 90 -13.37 33.34 -25.13
N TYR B 91 -13.18 32.12 -25.63
CA TYR B 91 -12.63 31.87 -26.97
C TYR B 91 -13.41 32.60 -28.03
N HIS B 92 -14.72 32.49 -27.95
CA HIS B 92 -15.61 33.16 -28.87
C HIS B 92 -15.39 34.64 -28.89
N HIS B 93 -15.37 35.26 -27.72
CA HIS B 93 -15.16 36.70 -27.63
C HIS B 93 -13.83 37.11 -28.21
N LEU B 94 -12.78 36.41 -27.80
CA LEU B 94 -11.43 36.77 -28.20
C LEU B 94 -11.20 36.52 -29.66
N HIS B 95 -11.66 35.37 -30.13
CA HIS B 95 -11.20 34.87 -31.38
C HIS B 95 -12.18 34.90 -32.55
N ILE B 96 -13.46 34.71 -32.27
CA ILE B 96 -14.50 34.71 -33.32
C ILE B 96 -15.07 36.11 -33.44
N ILE B 97 -16.04 36.46 -32.59
CA ILE B 97 -16.65 37.78 -32.64
C ILE B 97 -15.67 38.87 -32.25
N GLU B 98 -14.45 38.45 -31.90
CA GLU B 98 -13.29 39.35 -31.83
C GLU B 98 -13.47 40.55 -30.90
N THR B 99 -14.21 40.38 -29.82
CA THR B 99 -14.47 41.43 -28.83
C THR B 99 -13.18 42.13 -28.41
N LYS B 100 -13.27 43.43 -28.16
CA LYS B 100 -12.16 44.20 -27.61
C LYS B 100 -12.53 44.62 -26.17
N PHE B 101 -12.14 43.79 -25.19
CA PHE B 101 -12.34 44.10 -23.76
C PHE B 101 -11.32 45.12 -23.32
N GLU B 102 -11.70 45.87 -22.29
CA GLU B 102 -10.80 46.85 -21.70
C GLU B 102 -9.90 46.19 -20.67
N MET B 103 -8.61 46.48 -20.78
CA MET B 103 -7.57 45.96 -19.90
C MET B 103 -8.06 45.57 -18.52
N ILE B 104 -8.86 46.43 -17.87
CA ILE B 104 -9.36 46.11 -16.52
C ILE B 104 -10.26 44.89 -16.50
N LYS B 105 -11.14 44.80 -17.49
CA LYS B 105 -12.05 43.68 -17.60
C LYS B 105 -11.27 42.41 -17.98
N LEU B 106 -10.21 42.59 -18.74
CA LEU B 106 -9.33 41.48 -19.07
C LEU B 106 -8.66 40.93 -17.81
N ILE B 107 -8.26 41.81 -16.90
CA ILE B 107 -7.75 41.38 -15.59
C ILE B 107 -8.83 40.62 -14.82
N ASP B 108 -10.04 41.17 -14.79
CA ASP B 108 -11.14 40.58 -14.01
C ASP B 108 -11.49 39.17 -14.46
N ILE B 109 -11.44 38.96 -15.77
CA ILE B 109 -11.63 37.64 -16.35
C ILE B 109 -10.53 36.71 -15.88
N ALA B 110 -9.28 37.17 -15.95
CA ALA B 110 -8.12 36.37 -15.51
C ALA B 110 -8.17 36.06 -14.01
N ARG B 111 -8.63 37.03 -13.22
CA ARG B 111 -8.72 36.86 -11.78
C ARG B 111 -9.79 35.82 -11.44
N GLN B 112 -10.99 36.01 -11.97
CA GLN B 112 -12.07 35.06 -11.76
C GLN B 112 -11.69 33.64 -12.24
N THR B 113 -11.03 33.53 -13.37
CA THR B 113 -10.56 32.23 -13.81
C THR B 113 -9.57 31.68 -12.77
N ALA B 114 -8.64 32.52 -12.30
CA ALA B 114 -7.67 32.11 -11.27
C ALA B 114 -8.37 31.69 -9.99
N GLN B 115 -9.51 32.33 -9.69
CA GLN B 115 -10.31 31.97 -8.52
C GLN B 115 -10.92 30.59 -8.64
N GLY B 116 -11.42 30.25 -9.83
CA GLY B 116 -12.08 28.96 -10.02
C GLY B 116 -11.06 27.84 -10.02
N MET B 117 -9.93 28.11 -10.63
CA MET B 117 -8.83 27.17 -10.70
C MET B 117 -8.21 26.92 -9.32
N ASP B 118 -8.29 27.93 -8.45
CA ASP B 118 -7.77 27.85 -7.09
C ASP B 118 -8.67 26.97 -6.26
N TYR B 119 -9.96 27.21 -6.40
CA TYR B 119 -10.94 26.40 -5.75
C TYR B 119 -10.84 24.93 -6.16
N LEU B 120 -10.63 24.67 -7.45
CA LEU B 120 -10.63 23.28 -7.95
C LEU B 120 -9.44 22.57 -7.36
N HIS B 121 -8.27 23.16 -7.52
CA HIS B 121 -7.07 22.61 -6.95
C HIS B 121 -7.21 22.39 -5.45
N ALA B 122 -7.74 23.37 -4.73
CA ALA B 122 -8.00 23.22 -3.30
C ALA B 122 -8.70 21.91 -3.02
N LYS B 123 -9.75 21.62 -3.78
CA LYS B 123 -10.45 20.33 -3.71
C LYS B 123 -9.65 19.18 -4.34
N SER B 124 -8.38 19.41 -4.64
CA SER B 124 -7.54 18.49 -5.44
C SER B 124 -8.21 17.92 -6.67
N ILE B 125 -8.74 18.82 -7.50
CA ILE B 125 -9.28 18.52 -8.79
C ILE B 125 -8.35 19.15 -9.82
N ILE B 126 -7.75 18.32 -10.67
CA ILE B 126 -6.98 18.79 -11.82
C ILE B 126 -7.90 18.83 -13.01
N HIS B 127 -7.96 19.98 -13.67
CA HIS B 127 -8.93 20.19 -14.75
C HIS B 127 -8.57 19.31 -15.91
N ARG B 128 -7.34 19.46 -16.39
CA ARG B 128 -6.81 18.65 -17.49
C ARG B 128 -7.08 19.17 -18.91
N ASP B 129 -8.05 20.08 -19.06
CA ASP B 129 -8.41 20.61 -20.36
C ASP B 129 -8.89 22.04 -20.25
N LEU B 130 -8.15 22.88 -19.54
CA LEU B 130 -8.52 24.28 -19.39
C LEU B 130 -8.09 25.01 -20.65
N LYS B 131 -9.05 25.62 -21.33
CA LYS B 131 -8.77 26.51 -22.47
C LYS B 131 -9.88 27.53 -22.55
N SER B 132 -9.77 28.52 -23.42
CA SER B 132 -10.76 29.60 -23.42
C SER B 132 -12.16 29.12 -23.84
N ASN B 133 -12.24 28.02 -24.57
CA ASN B 133 -13.54 27.44 -24.97
C ASN B 133 -14.32 26.98 -23.75
N ASN B 134 -13.58 26.49 -22.77
CA ASN B 134 -14.13 26.03 -21.51
C ASN B 134 -14.31 27.13 -20.48
N ILE B 135 -14.08 28.38 -20.83
CA ILE B 135 -14.31 29.48 -19.90
C ILE B 135 -15.46 30.29 -20.44
N PHE B 136 -16.65 30.13 -19.84
N PHE B 136 -16.65 30.12 -19.84
CA PHE B 136 -17.81 30.88 -20.29
CA PHE B 136 -17.85 30.82 -20.29
C PHE B 136 -17.87 32.20 -19.55
C PHE B 136 -17.96 32.16 -19.54
N LEU B 137 -18.43 33.21 -20.22
CA LEU B 137 -18.62 34.54 -19.59
C LEU B 137 -20.10 34.81 -19.36
N HIS B 138 -20.61 34.22 -18.30
CA HIS B 138 -22.00 34.33 -17.93
C HIS B 138 -22.42 35.77 -17.76
N GLU B 139 -23.53 36.14 -18.40
CA GLU B 139 -24.04 37.51 -18.42
C GLU B 139 -22.89 38.51 -18.64
N ASP B 140 -21.97 38.11 -19.53
CA ASP B 140 -20.78 38.90 -19.93
C ASP B 140 -19.94 39.48 -18.76
N LEU B 141 -19.92 38.76 -17.63
CA LEU B 141 -19.42 39.29 -16.36
C LEU B 141 -18.69 38.24 -15.52
N THR B 142 -19.41 37.18 -15.17
CA THR B 142 -18.92 36.13 -14.29
C THR B 142 -18.33 34.94 -15.05
N VAL B 143 -17.04 34.72 -14.88
CA VAL B 143 -16.38 33.55 -15.42
C VAL B 143 -17.00 32.28 -14.84
N LYS B 144 -17.37 31.35 -15.72
CA LYS B 144 -17.76 30.01 -15.32
C LYS B 144 -16.82 29.02 -15.98
N ILE B 145 -16.12 28.22 -15.20
CA ILE B 145 -15.20 27.22 -15.72
C ILE B 145 -15.96 25.96 -16.03
N GLY B 146 -15.64 25.39 -17.18
CA GLY B 146 -16.50 24.49 -17.90
C GLY B 146 -16.26 23.02 -17.72
N ASP B 147 -15.39 22.45 -18.55
CA ASP B 147 -15.46 21.02 -18.80
C ASP B 147 -14.56 20.16 -17.90
N PHE B 148 -15.20 19.25 -17.17
CA PHE B 148 -14.50 18.30 -16.31
C PHE B 148 -14.74 16.83 -16.71
N GLY B 149 -15.00 16.56 -18.00
CA GLY B 149 -15.03 15.19 -18.52
C GLY B 149 -13.71 14.54 -18.18
N LEU B 150 -12.64 15.19 -18.65
CA LEU B 150 -11.25 14.77 -18.37
C LEU B 150 -10.82 14.95 -16.92
N ALA B 151 -11.44 15.88 -16.20
CA ALA B 151 -11.06 16.23 -14.83
C ALA B 151 -10.84 15.00 -13.90
N THR B 152 -9.91 15.16 -12.96
CA THR B 152 -9.27 14.04 -12.30
C THR B 152 -8.71 14.38 -10.91
N LEU B 166 -3.64 13.44 -28.46
CA LEU B 166 -3.65 14.91 -28.56
C LEU B 166 -4.94 15.38 -29.27
N SER B 167 -4.94 15.36 -30.62
CA SER B 167 -6.16 15.61 -31.42
C SER B 167 -6.86 16.98 -31.21
N GLY B 168 -6.13 18.03 -30.85
CA GLY B 168 -6.67 19.38 -30.95
C GLY B 168 -7.01 20.14 -29.68
N SER B 169 -6.18 20.01 -28.64
CA SER B 169 -6.18 20.96 -27.50
C SER B 169 -4.76 21.42 -27.21
N ILE B 170 -3.91 21.31 -28.22
CA ILE B 170 -2.47 21.26 -28.02
C ILE B 170 -1.85 22.61 -27.63
N LEU B 171 -2.50 23.69 -27.97
CA LEU B 171 -1.93 25.00 -27.68
C LEU B 171 -1.85 25.27 -26.20
N TRP B 172 -2.72 24.61 -25.44
CA TRP B 172 -2.82 24.81 -23.97
C TRP B 172 -2.06 23.75 -23.18
N MET B 173 -1.66 22.68 -23.86
CA MET B 173 -0.82 21.65 -23.25
C MET B 173 0.57 22.15 -22.90
N ALA B 174 0.96 21.93 -21.65
CA ALA B 174 2.35 22.12 -21.22
C ALA B 174 3.32 21.13 -21.89
N PRO B 175 4.58 21.56 -22.11
CA PRO B 175 5.63 20.71 -22.66
C PRO B 175 5.61 19.29 -22.14
N GLU B 176 5.50 19.10 -20.84
CA GLU B 176 5.53 17.75 -20.28
C GLU B 176 4.28 16.91 -20.57
N VAL B 177 3.19 17.56 -20.96
CA VAL B 177 1.95 16.89 -21.36
C VAL B 177 2.01 16.54 -22.83
N ILE B 178 2.59 17.43 -23.64
CA ILE B 178 2.75 17.21 -25.09
C ILE B 178 3.63 16.00 -25.36
N ARG B 179 4.83 16.01 -24.79
CA ARG B 179 5.72 14.86 -24.84
C ARG B 179 4.97 13.58 -24.46
N MET B 180 4.29 13.65 -23.32
CA MET B 180 3.80 12.49 -22.54
C MET B 180 4.97 11.77 -21.86
N GLN B 181 5.26 12.19 -20.63
CA GLN B 181 6.34 11.62 -19.79
C GLN B 181 5.94 10.26 -19.15
N ASP B 182 4.65 10.10 -18.86
CA ASP B 182 4.07 8.80 -18.46
C ASP B 182 2.53 8.91 -18.64
N LYS B 183 1.74 8.47 -17.66
CA LYS B 183 0.32 8.87 -17.51
C LYS B 183 0.12 9.99 -16.43
N ASN B 184 1.22 10.40 -15.79
CA ASN B 184 1.20 11.43 -14.73
C ASN B 184 1.84 12.75 -15.18
N PRO B 185 1.69 13.14 -16.48
CA PRO B 185 2.21 14.45 -16.84
C PRO B 185 1.32 15.57 -16.31
N TYR B 186 0.05 15.24 -16.04
CA TYR B 186 -0.93 16.18 -15.49
C TYR B 186 -0.69 16.49 -14.03
N SER B 187 -0.85 17.76 -13.69
CA SER B 187 -0.48 18.29 -12.40
C SER B 187 -1.06 19.68 -12.29
N PHE B 188 -1.16 20.20 -11.08
CA PHE B 188 -1.59 21.57 -10.92
C PHE B 188 -0.76 22.51 -11.79
N GLN B 189 0.49 22.16 -12.03
CA GLN B 189 1.38 22.99 -12.86
C GLN B 189 1.03 22.98 -14.36
N SER B 190 0.51 21.86 -14.86
CA SER B 190 0.03 21.78 -16.24
C SER B 190 -1.19 22.69 -16.42
N ASP B 191 -2.16 22.60 -15.50
CA ASP B 191 -3.28 23.56 -15.40
C ASP B 191 -2.81 25.00 -15.33
N VAL B 192 -1.76 25.24 -14.55
CA VAL B 192 -1.17 26.56 -14.49
C VAL B 192 -0.65 26.99 -15.84
N TYR B 193 0.08 26.09 -16.51
CA TYR B 193 0.59 26.35 -17.88
C TYR B 193 -0.53 26.83 -18.80
N ALA B 194 -1.61 26.06 -18.86
CA ALA B 194 -2.80 26.46 -19.63
C ALA B 194 -3.24 27.87 -19.27
N PHE B 195 -3.46 28.13 -17.98
CA PHE B 195 -3.85 29.46 -17.54
C PHE B 195 -2.88 30.50 -18.11
N GLY B 196 -1.60 30.13 -18.15
CA GLY B 196 -0.62 30.96 -18.83
C GLY B 196 -1.12 31.33 -20.20
N ILE B 197 -1.43 30.31 -20.99
CA ILE B 197 -1.92 30.49 -22.35
C ILE B 197 -3.21 31.29 -22.38
N VAL B 198 -4.13 31.07 -21.45
CA VAL B 198 -5.34 31.90 -21.44
C VAL B 198 -4.99 33.40 -21.24
N LEU B 199 -3.92 33.69 -20.51
CA LEU B 199 -3.52 35.08 -20.33
C LEU B 199 -2.95 35.61 -21.62
N TYR B 200 -2.14 34.80 -22.28
CA TYR B 200 -1.64 35.14 -23.61
C TYR B 200 -2.81 35.53 -24.52
N GLU B 201 -3.88 34.73 -24.50
CA GLU B 201 -5.08 35.03 -25.28
C GLU B 201 -5.66 36.37 -24.85
N LEU B 202 -5.88 36.53 -23.55
CA LEU B 202 -6.42 37.77 -22.99
C LEU B 202 -5.57 39.01 -23.26
N MET B 203 -4.25 38.83 -23.36
CA MET B 203 -3.35 39.98 -23.57
C MET B 203 -2.90 40.18 -25.02
N THR B 204 -2.91 39.14 -25.84
CA THR B 204 -2.62 39.32 -27.26
C THR B 204 -3.88 39.42 -28.06
N GLY B 205 -4.97 38.86 -27.55
CA GLY B 205 -6.16 38.70 -28.35
C GLY B 205 -5.96 37.67 -29.44
N GLN B 206 -4.89 36.88 -29.29
CA GLN B 206 -4.50 35.90 -30.29
C GLN B 206 -4.36 34.50 -29.70
N LEU B 207 -4.19 33.52 -30.56
CA LEU B 207 -3.70 32.23 -30.16
C LEU B 207 -2.20 32.16 -30.48
N PRO B 208 -1.43 31.42 -29.68
CA PRO B 208 0.00 31.34 -29.94
C PRO B 208 0.34 30.49 -31.15
N TYR B 209 1.49 30.79 -31.77
CA TYR B 209 1.97 30.08 -32.97
C TYR B 209 0.89 29.97 -34.07
N SER B 210 0.26 31.10 -34.36
CA SER B 210 -0.67 31.20 -35.48
C SER B 210 0.17 31.21 -36.77
N ASN B 211 1.37 31.76 -36.67
CA ASN B 211 2.25 31.86 -37.82
C ASN B 211 3.07 30.63 -38.07
N ILE B 212 2.80 29.57 -37.30
CA ILE B 212 3.35 28.26 -37.61
C ILE B 212 2.19 27.41 -38.07
N ASN B 213 2.33 26.87 -39.28
CA ASN B 213 1.26 26.11 -39.91
C ASN B 213 1.73 24.71 -40.28
N ASN B 214 2.60 24.17 -39.44
CA ASN B 214 2.84 22.74 -39.36
C ASN B 214 2.48 22.39 -37.92
N ARG B 215 1.56 21.46 -37.75
CA ARG B 215 1.13 21.08 -36.42
C ARG B 215 2.23 20.27 -35.74
N ASP B 216 2.94 19.48 -36.54
CA ASP B 216 4.02 18.63 -36.05
C ASP B 216 5.20 19.43 -35.61
N GLN B 217 5.38 20.60 -36.21
CA GLN B 217 6.43 21.49 -35.79
C GLN B 217 6.13 21.94 -34.39
N ILE B 218 4.88 22.35 -34.13
CA ILE B 218 4.48 22.83 -32.78
C ILE B 218 4.59 21.70 -31.76
N ILE B 219 3.80 20.66 -31.95
CA ILE B 219 3.91 19.49 -31.12
C ILE B 219 5.38 19.28 -30.72
N PHE B 220 6.25 19.02 -31.69
CA PHE B 220 7.66 18.74 -31.39
C PHE B 220 8.36 19.91 -30.69
N MET B 221 8.41 21.05 -31.35
CA MET B 221 9.19 22.16 -30.87
C MET B 221 8.78 22.60 -29.47
N VAL B 222 7.47 22.58 -29.19
CA VAL B 222 6.95 22.97 -27.86
C VAL B 222 7.29 21.90 -26.84
N GLY B 223 7.03 20.63 -27.17
CA GLY B 223 7.43 19.49 -26.36
C GLY B 223 8.84 19.57 -25.77
N ARG B 224 9.75 20.30 -26.42
CA ARG B 224 11.16 20.30 -26.05
C ARG B 224 11.72 21.68 -25.79
N GLY B 225 10.91 22.60 -25.29
CA GLY B 225 11.41 23.89 -24.83
C GLY B 225 12.04 24.80 -25.87
N TYR B 226 12.03 24.41 -27.15
CA TYR B 226 12.55 25.28 -28.23
C TYR B 226 11.55 26.40 -28.55
N LEU B 227 10.29 26.03 -28.78
CA LEU B 227 9.23 26.98 -29.12
C LEU B 227 8.30 27.23 -27.94
N SER B 228 7.95 28.49 -27.72
CA SER B 228 6.94 28.87 -26.73
C SER B 228 6.37 30.28 -27.03
N PRO B 229 5.19 30.65 -26.48
CA PRO B 229 4.48 31.89 -26.81
C PRO B 229 5.34 33.14 -26.82
N ASP B 230 5.00 34.06 -27.72
CA ASP B 230 5.80 35.25 -27.98
C ASP B 230 5.26 36.45 -27.21
N LEU B 231 5.75 36.64 -25.99
CA LEU B 231 5.17 37.65 -25.10
C LEU B 231 5.42 39.09 -25.55
N SER B 232 5.97 39.28 -26.75
CA SER B 232 6.11 40.63 -27.33
C SER B 232 4.78 41.13 -27.90
N LYS B 233 3.90 40.19 -28.25
CA LYS B 233 2.60 40.50 -28.87
C LYS B 233 1.56 41.06 -27.90
N VAL B 234 1.88 41.08 -26.61
CA VAL B 234 0.93 41.65 -25.65
C VAL B 234 0.73 43.15 -25.94
N ARG B 235 -0.45 43.66 -25.62
CA ARG B 235 -0.79 45.08 -25.76
C ARG B 235 0.12 45.99 -24.93
N SER B 236 0.37 47.18 -25.44
CA SER B 236 1.13 48.20 -24.72
C SER B 236 0.51 48.51 -23.34
N ASN B 237 -0.81 48.67 -23.28
CA ASN B 237 -1.49 49.02 -22.03
C ASN B 237 -1.51 47.88 -21.00
N CYS B 238 -0.87 46.76 -21.36
CA CYS B 238 -0.75 45.61 -20.49
C CYS B 238 0.21 45.86 -19.31
N PRO B 239 -0.29 45.74 -18.07
CA PRO B 239 0.58 45.85 -16.90
C PRO B 239 1.83 44.97 -17.03
N LYS B 240 2.95 45.45 -16.50
CA LYS B 240 4.22 44.72 -16.66
C LYS B 240 4.23 43.49 -15.77
N ALA B 241 3.61 43.61 -14.61
CA ALA B 241 3.40 42.46 -13.73
C ALA B 241 2.80 41.26 -14.51
N MET B 242 1.64 41.50 -15.14
CA MET B 242 0.94 40.49 -15.95
C MET B 242 1.83 39.80 -16.98
N LYS B 243 2.79 40.54 -17.54
CA LYS B 243 3.69 39.98 -18.52
C LYS B 243 4.65 38.98 -17.89
N ARG B 244 5.07 39.24 -16.66
CA ARG B 244 6.00 38.32 -16.00
C ARG B 244 5.23 37.18 -15.33
N LEU B 245 4.06 37.48 -14.76
CA LEU B 245 3.15 36.43 -14.31
C LEU B 245 2.97 35.44 -15.45
N MET B 246 2.58 35.96 -16.60
CA MET B 246 2.47 35.16 -17.82
C MET B 246 3.73 34.30 -17.99
N ALA B 247 4.89 34.97 -17.94
CA ALA B 247 6.18 34.29 -18.05
C ALA B 247 6.32 33.11 -17.07
N GLU B 248 5.93 33.33 -15.83
CA GLU B 248 6.04 32.30 -14.80
C GLU B 248 5.29 31.02 -15.18
N CYS B 249 4.02 31.17 -15.56
CA CYS B 249 3.17 30.00 -15.83
C CYS B 249 3.58 29.26 -17.06
N LEU B 250 4.31 29.96 -17.94
CA LEU B 250 4.72 29.35 -19.19
C LEU B 250 6.13 28.73 -19.09
N LYS B 251 6.71 28.74 -17.89
CA LYS B 251 8.04 28.20 -17.72
C LYS B 251 8.03 26.74 -18.11
N LYS B 252 9.00 26.34 -18.92
CA LYS B 252 9.03 25.03 -19.53
C LYS B 252 9.14 23.94 -18.46
N LYS B 253 9.88 24.26 -17.40
CA LYS B 253 10.12 23.34 -16.28
C LYS B 253 8.99 23.44 -15.26
N ARG B 254 8.19 22.39 -15.21
CA ARG B 254 7.00 22.27 -14.37
C ARG B 254 7.07 23.02 -13.04
N ASP B 255 8.03 22.64 -12.21
CA ASP B 255 8.06 23.06 -10.81
C ASP B 255 8.61 24.47 -10.59
N GLU B 256 8.86 25.20 -11.67
CA GLU B 256 9.17 26.63 -11.60
C GLU B 256 7.90 27.46 -11.76
N ARG B 257 6.77 26.79 -12.00
CA ARG B 257 5.50 27.48 -12.25
C ARG B 257 4.72 27.68 -10.95
N PRO B 258 4.21 28.89 -10.71
CA PRO B 258 3.52 29.16 -9.45
C PRO B 258 2.16 28.45 -9.37
N LEU B 259 1.66 28.18 -8.18
CA LEU B 259 0.35 27.59 -8.02
C LEU B 259 -0.66 28.71 -7.86
N PHE B 260 -1.93 28.39 -7.75
CA PHE B 260 -2.95 29.42 -7.93
C PHE B 260 -3.11 30.43 -6.80
N PRO B 261 -2.96 30.00 -5.53
CA PRO B 261 -3.06 31.01 -4.48
C PRO B 261 -2.00 32.09 -4.71
N GLN B 262 -0.83 31.64 -5.11
CA GLN B 262 0.27 32.53 -5.45
C GLN B 262 -0.11 33.42 -6.64
N ILE B 263 -0.53 32.79 -7.73
CA ILE B 263 -0.95 33.48 -8.96
C ILE B 263 -2.04 34.49 -8.64
N LEU B 264 -3.02 34.02 -7.88
CA LEU B 264 -4.22 34.79 -7.59
C LEU B 264 -3.89 36.05 -6.79
N ALA B 265 -2.89 35.96 -5.91
CA ALA B 265 -2.37 37.14 -5.21
C ALA B 265 -1.74 38.09 -6.20
N SER B 266 -0.81 37.58 -7.01
CA SER B 266 -0.12 38.41 -8.00
C SER B 266 -1.07 39.26 -8.85
N ILE B 267 -2.24 38.71 -9.20
CA ILE B 267 -3.23 39.42 -10.02
C ILE B 267 -3.96 40.45 -9.17
N GLU B 268 -4.57 39.99 -8.09
CA GLU B 268 -5.31 40.85 -7.18
C GLU B 268 -4.48 42.05 -6.72
N LEU B 269 -3.16 41.89 -6.66
CA LEU B 269 -2.24 42.99 -6.41
C LEU B 269 -2.28 43.99 -7.56
N LEU B 270 -1.84 43.55 -8.74
CA LEU B 270 -1.75 44.42 -9.92
C LEU B 270 -3.14 44.93 -10.38
N ALA B 271 -4.19 44.27 -9.94
CA ALA B 271 -5.56 44.69 -10.24
C ALA B 271 -5.86 46.05 -9.62
N ARG B 272 -5.70 46.14 -8.31
CA ARG B 272 -5.99 47.39 -7.61
C ARG B 272 -5.08 48.50 -8.12
N SER B 273 -3.78 48.25 -8.11
CA SER B 273 -2.79 49.26 -8.53
C SER B 273 -2.80 49.55 -10.05
N LEU B 274 -3.94 50.02 -10.55
CA LEU B 274 -4.18 50.22 -11.99
C LEU B 274 -4.99 51.52 -12.22
N PRO B 275 -4.60 52.33 -13.24
CA PRO B 275 -5.32 53.55 -13.64
C PRO B 275 -6.86 53.43 -13.58
N ASP C 2 11.25 -3.40 -6.43
CA ASP C 2 9.91 -2.85 -6.05
C ASP C 2 8.87 -3.98 -5.84
N TRP C 3 7.67 -3.57 -5.44
CA TRP C 3 6.60 -4.48 -5.07
C TRP C 3 5.35 -4.21 -5.89
N GLU C 4 5.54 -3.62 -7.06
CA GLU C 4 4.44 -3.32 -7.95
C GLU C 4 3.85 -4.64 -8.47
N ILE C 5 2.73 -5.04 -7.89
CA ILE C 5 2.00 -6.22 -8.32
C ILE C 5 1.26 -5.93 -9.64
N PRO C 6 1.70 -6.56 -10.75
CA PRO C 6 1.08 -6.36 -12.08
C PRO C 6 -0.42 -6.63 -12.17
N ASP C 7 -1.00 -6.29 -13.33
CA ASP C 7 -2.46 -6.29 -13.56
C ASP C 7 -3.17 -7.63 -13.34
N GLY C 8 -4.18 -7.62 -12.46
CA GLY C 8 -5.09 -8.76 -12.32
C GLY C 8 -4.48 -10.04 -11.75
N GLN C 9 -3.40 -9.89 -10.98
CA GLN C 9 -2.87 -11.01 -10.20
C GLN C 9 -3.66 -11.13 -8.90
N ILE C 10 -4.01 -9.98 -8.32
CA ILE C 10 -4.86 -9.94 -7.13
C ILE C 10 -6.26 -10.34 -7.54
N THR C 11 -6.94 -11.06 -6.65
CA THR C 11 -8.35 -11.38 -6.84
C THR C 11 -9.08 -10.77 -5.65
N VAL C 12 -9.73 -9.64 -5.92
CA VAL C 12 -10.44 -8.90 -4.89
C VAL C 12 -11.71 -9.68 -4.58
N GLY C 13 -11.90 -10.05 -3.31
CA GLY C 13 -13.03 -10.86 -2.90
C GLY C 13 -13.95 -10.11 -1.96
N GLN C 14 -14.08 -10.63 -0.74
CA GLN C 14 -15.00 -10.06 0.25
C GLN C 14 -14.51 -8.71 0.79
N ARG C 15 -15.15 -7.62 0.39
CA ARG C 15 -14.97 -6.33 1.05
C ARG C 15 -15.24 -6.49 2.55
N ILE C 16 -14.30 -6.02 3.38
CA ILE C 16 -14.40 -6.18 4.85
C ILE C 16 -14.52 -4.83 5.57
N GLY C 17 -14.74 -3.76 4.81
CA GLY C 17 -14.91 -2.41 5.37
C GLY C 17 -14.14 -1.35 4.58
N SER C 18 -14.50 -0.09 4.78
CA SER C 18 -13.77 1.02 4.15
C SER C 18 -12.43 1.23 4.83
N GLY C 19 -11.36 0.89 4.13
CA GLY C 19 -10.02 1.21 4.60
C GLY C 19 -9.88 2.70 4.74
N SER C 20 -8.86 3.13 5.47
CA SER C 20 -8.59 4.55 5.65
C SER C 20 -8.66 5.32 4.30
N PHE C 21 -7.71 5.08 3.38
CA PHE C 21 -7.77 5.64 2.00
C PHE C 21 -8.03 4.57 0.93
N GLY C 22 -9.20 4.63 0.28
CA GLY C 22 -9.71 3.54 -0.55
C GLY C 22 -10.36 2.47 0.31
N THR C 23 -10.63 1.31 -0.27
CA THR C 23 -11.42 0.27 0.40
C THR C 23 -10.62 -1.02 0.69
N VAL C 24 -10.99 -1.70 1.79
CA VAL C 24 -10.29 -2.87 2.32
C VAL C 24 -11.14 -4.15 2.16
N TYR C 25 -10.61 -5.10 1.39
CA TYR C 25 -11.26 -6.39 1.12
C TYR C 25 -10.32 -7.55 1.53
N LYS C 26 -10.93 -8.69 1.84
CA LYS C 26 -10.23 -10.00 1.88
C LYS C 26 -10.06 -10.49 0.44
N GLY C 27 -8.86 -10.96 0.11
CA GLY C 27 -8.55 -11.39 -1.26
C GLY C 27 -7.64 -12.58 -1.35
N LYS C 28 -7.07 -12.77 -2.54
CA LYS C 28 -6.10 -13.83 -2.74
C LYS C 28 -5.00 -13.38 -3.70
N TRP C 29 -3.76 -13.47 -3.24
CA TRP C 29 -2.60 -13.28 -4.08
C TRP C 29 -1.44 -14.01 -3.43
N HIS C 30 -1.04 -15.12 -4.07
CA HIS C 30 -0.14 -16.09 -3.46
C HIS C 30 -0.62 -16.42 -2.05
N GLY C 31 -1.89 -16.79 -1.96
CA GLY C 31 -2.54 -17.13 -0.71
C GLY C 31 -3.51 -16.06 -0.24
N ASP C 32 -4.19 -16.36 0.87
CA ASP C 32 -5.01 -15.40 1.60
C ASP C 32 -4.21 -14.12 1.78
N VAL C 33 -4.77 -13.00 1.30
CA VAL C 33 -4.23 -11.68 1.63
C VAL C 33 -5.34 -10.73 2.01
N ALA C 34 -4.95 -9.59 2.58
CA ALA C 34 -5.81 -8.42 2.75
C ALA C 34 -5.39 -7.35 1.72
N VAL C 35 -6.37 -6.63 1.19
CA VAL C 35 -6.15 -5.64 0.13
C VAL C 35 -6.69 -4.30 0.58
N LYS C 36 -5.98 -3.20 0.27
CA LYS C 36 -6.57 -1.85 0.36
C LYS C 36 -6.50 -1.24 -1.03
N MET C 37 -7.65 -0.86 -1.58
CA MET C 37 -7.80 -0.61 -3.02
C MET C 37 -8.54 0.70 -3.34
N LEU C 38 -8.25 1.26 -4.52
CA LEU C 38 -8.91 2.49 -4.98
C LEU C 38 -9.83 2.22 -6.17
N ASN C 39 -11.08 2.69 -6.07
CA ASN C 39 -12.10 2.53 -7.12
C ASN C 39 -12.24 3.82 -7.95
N VAL C 40 -11.21 4.09 -8.75
CA VAL C 40 -11.06 5.33 -9.51
C VAL C 40 -10.35 4.95 -10.81
N THR C 41 -10.40 5.83 -11.82
CA THR C 41 -9.53 5.71 -13.02
C THR C 41 -8.25 6.52 -12.78
N ALA C 42 -8.42 7.84 -12.63
CA ALA C 42 -7.33 8.78 -12.40
C ALA C 42 -7.37 9.27 -10.94
N PRO C 43 -6.48 8.75 -10.08
CA PRO C 43 -6.43 9.22 -8.70
C PRO C 43 -5.94 10.67 -8.57
N THR C 44 -6.82 11.54 -8.09
CA THR C 44 -6.51 12.92 -7.74
C THR C 44 -5.27 12.96 -6.82
N PRO C 45 -4.54 14.09 -6.79
CA PRO C 45 -3.32 14.13 -5.95
C PRO C 45 -3.55 13.92 -4.44
N GLN C 46 -4.75 14.23 -3.95
CA GLN C 46 -5.12 13.98 -2.54
C GLN C 46 -5.25 12.48 -2.23
N GLN C 47 -5.57 11.66 -3.25
CA GLN C 47 -5.57 10.20 -3.12
C GLN C 47 -4.16 9.64 -3.34
N LEU C 48 -3.50 10.11 -4.41
CA LEU C 48 -2.17 9.62 -4.86
C LEU C 48 -1.03 10.00 -3.89
N GLN C 49 -1.06 11.20 -3.31
CA GLN C 49 -0.06 11.57 -2.29
C GLN C 49 -0.28 10.81 -0.98
N ALA C 50 -1.55 10.70 -0.56
CA ALA C 50 -1.95 10.05 0.72
C ALA C 50 -1.98 8.52 0.63
N PHE C 51 -1.05 7.99 -0.15
CA PHE C 51 -1.00 6.58 -0.55
C PHE C 51 0.47 6.22 -0.55
N LYS C 52 1.26 6.89 -1.40
CA LYS C 52 2.72 6.87 -1.35
C LYS C 52 3.23 7.16 0.06
N ASN C 53 2.34 7.63 0.94
CA ASN C 53 2.59 7.66 2.37
C ASN C 53 2.52 6.25 2.97
N GLU C 54 1.34 5.65 3.01
CA GLU C 54 1.16 4.37 3.70
C GLU C 54 2.09 3.26 3.17
N VAL C 55 2.41 3.32 1.87
CA VAL C 55 3.35 2.39 1.24
C VAL C 55 4.78 2.60 1.72
N GLY C 56 5.31 3.81 1.51
CA GLY C 56 6.69 4.14 1.87
C GLY C 56 7.05 3.89 3.33
N VAL C 57 6.02 3.84 4.19
CA VAL C 57 6.19 3.38 5.57
C VAL C 57 6.32 1.86 5.59
N LEU C 58 5.32 1.19 5.02
CA LEU C 58 5.28 -0.26 4.98
C LEU C 58 6.56 -0.89 4.35
N ARG C 59 7.01 -0.35 3.22
CA ARG C 59 8.29 -0.76 2.59
C ARG C 59 9.54 -0.84 3.51
N LYS C 60 9.56 -0.08 4.60
CA LYS C 60 10.74 -0.01 5.47
C LYS C 60 10.65 -0.98 6.64
N THR C 61 9.56 -1.75 6.68
CA THR C 61 9.24 -2.61 7.82
C THR C 61 9.35 -4.10 7.52
N ARG C 62 10.34 -4.75 8.15
CA ARG C 62 10.48 -6.20 8.09
C ARG C 62 10.63 -6.74 9.50
N HIS C 63 9.50 -7.10 10.11
CA HIS C 63 9.45 -7.52 11.52
C HIS C 63 8.24 -8.40 11.82
N VAL C 64 8.46 -9.40 12.66
CA VAL C 64 7.45 -10.40 12.97
C VAL C 64 6.19 -9.76 13.59
N ASN C 65 6.43 -8.69 14.37
CA ASN C 65 5.37 -7.97 15.08
C ASN C 65 4.72 -6.82 14.30
N ILE C 66 5.17 -6.54 13.08
CA ILE C 66 4.55 -5.52 12.21
C ILE C 66 3.86 -6.18 11.04
N LEU C 67 2.63 -5.76 10.76
CA LEU C 67 1.84 -6.32 9.67
C LEU C 67 2.65 -6.35 8.37
N LEU C 68 2.82 -7.54 7.81
CA LEU C 68 3.69 -7.77 6.64
C LEU C 68 3.17 -7.15 5.35
N PHE C 69 3.88 -6.12 4.91
CA PHE C 69 3.67 -5.53 3.60
C PHE C 69 4.15 -6.49 2.54
N MET C 70 3.26 -6.87 1.65
CA MET C 70 3.62 -7.74 0.53
C MET C 70 3.84 -6.93 -0.74
N GLY C 71 2.97 -5.97 -1.01
CA GLY C 71 3.13 -5.13 -2.20
C GLY C 71 1.97 -4.22 -2.52
N TYR C 72 2.09 -3.50 -3.63
CA TYR C 72 1.07 -2.54 -4.07
C TYR C 72 0.81 -2.67 -5.59
N SER C 73 -0.44 -2.46 -6.00
CA SER C 73 -0.78 -2.38 -7.43
C SER C 73 -0.92 -0.90 -7.82
N THR C 74 -0.57 -0.63 -9.08
CA THR C 74 -0.69 0.71 -9.66
C THR C 74 -1.79 0.65 -10.72
N LYS C 75 -1.58 -0.19 -11.72
CA LYS C 75 -2.58 -0.50 -12.74
C LYS C 75 -3.29 -1.84 -12.41
N PRO C 76 -4.59 -1.96 -12.76
CA PRO C 76 -5.48 -0.87 -13.21
C PRO C 76 -5.82 0.15 -12.09
N GLN C 77 -5.90 -0.31 -10.84
CA GLN C 77 -6.23 0.55 -9.71
C GLN C 77 -5.06 0.64 -8.74
N LEU C 78 -5.15 1.60 -7.83
CA LEU C 78 -4.18 1.75 -6.72
C LEU C 78 -4.59 0.85 -5.54
N ALA C 79 -3.68 -0.04 -5.13
CA ALA C 79 -3.96 -0.96 -4.03
C ALA C 79 -2.70 -1.38 -3.26
N ILE C 80 -2.88 -1.62 -1.95
CA ILE C 80 -1.80 -2.07 -1.05
C ILE C 80 -2.23 -3.36 -0.36
N VAL C 81 -1.49 -4.44 -0.65
CA VAL C 81 -1.83 -5.78 -0.11
C VAL C 81 -0.84 -6.21 0.96
N THR C 82 -1.38 -6.85 2.00
CA THR C 82 -0.58 -7.28 3.12
C THR C 82 -1.07 -8.64 3.59
N GLN C 83 -0.28 -9.27 4.46
CA GLN C 83 -0.61 -10.61 4.93
C GLN C 83 -2.00 -10.58 5.48
N TRP C 84 -2.79 -11.59 5.14
CA TRP C 84 -4.00 -11.84 5.87
C TRP C 84 -3.57 -12.39 7.24
N CYS C 85 -4.30 -12.01 8.28
CA CYS C 85 -4.06 -12.50 9.63
C CYS C 85 -5.27 -13.28 10.09
N GLU C 86 -5.17 -13.84 11.29
CA GLU C 86 -6.26 -14.61 11.83
C GLU C 86 -6.34 -14.46 13.33
N GLY C 87 -7.57 -14.21 13.78
CA GLY C 87 -7.86 -13.88 15.16
C GLY C 87 -8.74 -12.65 15.11
N SER C 88 -8.33 -11.62 15.83
CA SER C 88 -9.04 -10.36 15.78
C SER C 88 -8.18 -9.35 16.50
N SER C 89 -8.60 -8.10 16.44
CA SER C 89 -7.98 -7.03 17.21
C SER C 89 -7.89 -7.41 18.69
N LEU C 90 -6.76 -7.14 19.33
CA LEU C 90 -6.64 -7.27 20.78
C LEU C 90 -7.76 -6.56 21.53
N TYR C 91 -8.28 -5.49 20.93
CA TYR C 91 -9.45 -4.76 21.44
C TYR C 91 -10.65 -5.69 21.44
N HIS C 92 -10.86 -6.37 20.33
CA HIS C 92 -11.94 -7.34 20.26
C HIS C 92 -11.85 -8.37 21.40
N HIS C 93 -10.67 -8.93 21.62
CA HIS C 93 -10.44 -9.90 22.70
C HIS C 93 -10.82 -9.33 24.07
N LEU C 94 -10.10 -8.28 24.47
CA LEU C 94 -10.23 -7.67 25.78
C LEU C 94 -11.62 -7.11 26.09
N HIS C 95 -12.29 -6.54 25.09
CA HIS C 95 -13.48 -5.71 25.33
C HIS C 95 -14.79 -6.16 24.67
N ILE C 96 -14.74 -7.09 23.71
CA ILE C 96 -15.98 -7.49 23.01
C ILE C 96 -16.37 -8.94 23.27
N ILE C 97 -15.42 -9.86 23.14
CA ILE C 97 -15.63 -11.26 23.53
C ILE C 97 -15.07 -11.51 24.93
N GLU C 98 -14.64 -10.44 25.59
CA GLU C 98 -14.26 -10.49 26.99
C GLU C 98 -13.23 -11.57 27.34
N THR C 99 -12.53 -12.10 26.33
CA THR C 99 -11.49 -13.10 26.54
C THR C 99 -10.61 -12.75 27.73
N LYS C 100 -10.29 -13.74 28.55
CA LYS C 100 -9.44 -13.52 29.69
C LYS C 100 -8.16 -14.33 29.50
N PHE C 101 -7.03 -13.66 29.26
CA PHE C 101 -5.76 -14.37 29.15
C PHE C 101 -5.18 -14.63 30.53
N GLU C 102 -4.20 -15.53 30.62
CA GLU C 102 -3.42 -15.72 31.85
C GLU C 102 -2.40 -14.61 31.87
N MET C 103 -1.87 -14.30 33.06
CA MET C 103 -1.05 -13.11 33.23
C MET C 103 0.18 -13.11 32.32
N ILE C 104 0.89 -14.23 32.28
CA ILE C 104 2.09 -14.35 31.45
C ILE C 104 1.82 -14.03 29.96
N LYS C 105 0.67 -14.43 29.46
CA LYS C 105 0.28 -14.13 28.08
C LYS C 105 0.22 -12.61 27.86
N LEU C 106 -0.33 -11.90 28.85
CA LEU C 106 -0.50 -10.44 28.79
C LEU C 106 0.85 -9.74 28.73
N ILE C 107 1.73 -10.10 29.66
CA ILE C 107 3.09 -9.60 29.67
C ILE C 107 3.72 -9.77 28.29
N ASP C 108 3.50 -10.94 27.68
CA ASP C 108 4.06 -11.29 26.38
C ASP C 108 3.46 -10.43 25.27
N ILE C 109 2.15 -10.22 25.34
CA ILE C 109 1.45 -9.33 24.41
C ILE C 109 1.98 -7.90 24.58
N ALA C 110 2.28 -7.51 25.81
CA ALA C 110 2.90 -6.23 26.07
C ALA C 110 4.30 -6.18 25.46
N ARG C 111 5.09 -7.22 25.75
CA ARG C 111 6.45 -7.30 25.25
C ARG C 111 6.52 -7.39 23.72
N GLN C 112 5.57 -8.12 23.13
CA GLN C 112 5.51 -8.22 21.68
C GLN C 112 5.21 -6.86 21.04
N THR C 113 4.15 -6.20 21.54
CA THR C 113 3.79 -4.86 21.06
C THR C 113 4.97 -3.91 21.20
N ALA C 114 5.65 -4.03 22.33
CA ALA C 114 6.84 -3.22 22.62
C ALA C 114 7.95 -3.37 21.56
N GLN C 115 8.16 -4.60 21.09
CA GLN C 115 9.11 -4.89 19.99
C GLN C 115 8.77 -4.12 18.71
N GLY C 116 7.47 -4.15 18.36
CA GLY C 116 7.00 -3.49 17.17
C GLY C 116 7.20 -1.99 17.17
N MET C 117 6.87 -1.36 18.30
CA MET C 117 7.12 0.08 18.46
C MET C 117 8.62 0.36 18.51
N ASP C 118 9.36 -0.40 19.30
CA ASP C 118 10.82 -0.23 19.36
C ASP C 118 11.40 -0.28 17.96
N TYR C 119 10.98 -1.27 17.19
CA TYR C 119 11.42 -1.44 15.80
C TYR C 119 10.96 -0.26 14.95
N LEU C 120 9.69 0.12 15.07
CA LEU C 120 9.18 1.24 14.29
C LEU C 120 9.96 2.52 14.58
N HIS C 121 10.17 2.81 15.86
CA HIS C 121 10.89 4.02 16.24
C HIS C 121 12.32 4.03 15.75
N ALA C 122 13.05 2.93 15.97
CA ALA C 122 14.42 2.79 15.44
C ALA C 122 14.43 3.10 13.95
N LYS C 123 13.47 2.56 13.21
CA LYS C 123 13.29 2.89 11.80
C LYS C 123 12.72 4.30 11.57
N SER C 124 12.75 5.15 12.60
CA SER C 124 12.29 6.57 12.52
C SER C 124 10.82 6.74 12.13
N ILE C 125 9.99 5.78 12.51
CA ILE C 125 8.54 5.80 12.25
C ILE C 125 7.76 6.10 13.54
N ILE C 126 6.69 6.89 13.39
CA ILE C 126 5.78 7.19 14.50
C ILE C 126 4.40 6.73 14.08
N HIS C 127 3.85 5.79 14.85
CA HIS C 127 2.61 5.15 14.45
C HIS C 127 1.54 6.22 14.40
N ARG C 128 1.45 6.99 15.48
CA ARG C 128 0.59 8.16 15.53
C ARG C 128 -0.88 7.77 15.76
N ASP C 129 -1.14 6.49 16.02
CA ASP C 129 -2.50 5.96 16.22
C ASP C 129 -2.51 4.56 16.84
N LEU C 130 -1.56 4.27 17.72
CA LEU C 130 -1.49 2.99 18.39
C LEU C 130 -2.67 2.85 19.32
N LYS C 131 -3.44 1.78 19.14
CA LYS C 131 -4.52 1.42 20.05
C LYS C 131 -4.73 -0.07 19.94
N SER C 132 -5.56 -0.64 20.82
CA SER C 132 -5.84 -2.07 20.75
C SER C 132 -6.65 -2.47 19.51
N ASN C 133 -7.29 -1.54 18.82
CA ASN C 133 -7.96 -1.84 17.54
C ASN C 133 -6.95 -2.07 16.42
N ASN C 134 -5.71 -1.63 16.67
CA ASN C 134 -4.64 -1.69 15.69
C ASN C 134 -3.54 -2.68 16.07
N ILE C 135 -3.72 -3.38 17.18
CA ILE C 135 -2.86 -4.48 17.51
C ILE C 135 -3.66 -5.73 17.20
N PHE C 136 -3.24 -6.45 16.17
CA PHE C 136 -3.89 -7.68 15.76
C PHE C 136 -3.22 -8.85 16.44
N LEU C 137 -4.02 -9.74 17.04
CA LEU C 137 -3.50 -11.00 17.58
C LEU C 137 -3.64 -12.07 16.52
N HIS C 138 -2.56 -12.24 15.76
CA HIS C 138 -2.49 -13.24 14.72
C HIS C 138 -2.42 -14.61 15.38
N GLU C 139 -3.23 -15.54 14.87
CA GLU C 139 -3.36 -16.90 15.45
C GLU C 139 -3.44 -16.85 16.97
N ASP C 140 -4.18 -15.87 17.49
CA ASP C 140 -4.31 -15.60 18.94
C ASP C 140 -3.00 -15.74 19.73
N LEU C 141 -1.88 -15.38 19.11
CA LEU C 141 -0.56 -15.69 19.67
C LEU C 141 0.51 -14.63 19.42
N THR C 142 0.69 -14.29 18.15
CA THR C 142 1.67 -13.30 17.72
C THR C 142 0.99 -11.95 17.57
N VAL C 143 1.73 -10.87 17.86
CA VAL C 143 1.22 -9.50 17.74
C VAL C 143 1.56 -8.92 16.37
N LYS C 144 0.57 -8.32 15.73
CA LYS C 144 0.75 -7.62 14.45
C LYS C 144 0.17 -6.21 14.56
N ILE C 145 1.07 -5.22 14.56
CA ILE C 145 0.68 -3.82 14.59
C ILE C 145 0.48 -3.30 13.18
N GLY C 146 -0.56 -2.51 12.96
CA GLY C 146 -0.77 -1.87 11.66
C GLY C 146 -1.71 -0.69 11.81
N ASP C 147 -2.29 -0.24 10.70
CA ASP C 147 -3.40 0.72 10.73
C ASP C 147 -4.62 0.14 9.98
N PHE C 148 -5.50 -0.50 10.73
CA PHE C 148 -6.56 -1.38 10.17
C PHE C 148 -7.90 -0.70 9.82
N GLY C 149 -8.02 0.60 10.04
CA GLY C 149 -9.28 1.29 9.80
C GLY C 149 -10.51 0.45 10.16
N LEU C 150 -11.48 0.46 9.24
CA LEU C 150 -12.83 -0.07 9.51
C LEU C 150 -12.92 -1.60 9.42
N ALA C 151 -11.85 -2.25 8.97
CA ALA C 151 -11.78 -3.72 8.98
C ALA C 151 -11.75 -4.24 10.42
N THR C 152 -11.19 -3.42 11.30
CA THR C 152 -11.20 -3.67 12.73
C THR C 152 -12.36 -2.90 13.38
N VAL C 153 -12.91 -3.48 14.45
CA VAL C 153 -14.02 -2.87 15.21
C VAL C 153 -13.69 -1.45 15.71
N LYS C 154 -14.70 -0.59 15.80
CA LYS C 154 -14.49 0.77 16.31
C LYS C 154 -14.38 0.78 17.84
N SER C 155 -13.70 1.81 18.37
CA SER C 155 -13.50 1.98 19.82
C SER C 155 -14.75 2.54 20.52
N ARG C 156 -14.69 2.67 21.85
CA ARG C 156 -15.84 3.17 22.63
C ARG C 156 -16.26 4.56 22.17
N TRP C 157 -15.29 5.45 21.92
CA TRP C 157 -15.55 6.86 21.64
C TRP C 157 -15.21 7.35 20.21
N SER C 158 -15.08 6.45 19.24
CA SER C 158 -15.07 6.85 17.82
C SER C 158 -16.53 7.08 17.36
N GLY C 159 -16.75 7.14 16.05
CA GLY C 159 -18.11 7.32 15.53
C GLY C 159 -18.27 8.62 14.75
N SER C 160 -19.38 8.71 14.02
CA SER C 160 -19.63 9.85 13.13
C SER C 160 -19.94 11.09 13.98
N HIS C 161 -18.90 11.86 14.24
CA HIS C 161 -19.03 13.18 14.85
C HIS C 161 -18.64 14.20 13.78
N GLN C 162 -19.41 14.13 12.69
CA GLN C 162 -19.25 14.97 11.51
C GLN C 162 -18.91 16.43 11.85
N PHE C 163 -19.49 16.93 12.94
CA PHE C 163 -19.36 18.33 13.32
C PHE C 163 -18.45 18.61 14.54
N GLU C 164 -18.05 17.56 15.26
CA GLU C 164 -17.06 17.69 16.33
C GLU C 164 -15.68 17.91 15.69
N GLN C 165 -14.71 18.37 16.48
CA GLN C 165 -13.32 18.45 16.00
C GLN C 165 -12.70 17.03 15.93
N LEU C 166 -12.11 16.55 17.04
CA LEU C 166 -11.47 15.24 17.07
C LEU C 166 -12.55 14.24 16.74
N SER C 167 -12.28 13.33 15.82
CA SER C 167 -13.27 12.31 15.43
C SER C 167 -12.83 10.84 15.65
N GLY C 168 -11.52 10.63 15.82
CA GLY C 168 -10.98 9.29 16.00
C GLY C 168 -11.10 8.74 17.41
N SER C 169 -9.98 8.25 17.93
CA SER C 169 -9.98 7.49 19.16
C SER C 169 -9.17 8.22 20.21
N ILE C 170 -9.89 8.72 21.21
CA ILE C 170 -9.31 9.65 22.18
C ILE C 170 -8.57 9.00 23.33
N LEU C 171 -9.01 7.82 23.76
CA LEU C 171 -8.50 7.21 25.00
C LEU C 171 -7.03 6.83 24.91
N TRP C 172 -6.47 6.80 23.70
CA TRP C 172 -5.05 6.52 23.50
C TRP C 172 -4.23 7.76 23.26
N MET C 173 -4.88 8.87 22.89
CA MET C 173 -4.18 10.16 22.72
C MET C 173 -3.62 10.69 24.02
N ALA C 174 -2.34 11.05 24.00
CA ALA C 174 -1.72 11.77 25.10
C ALA C 174 -2.37 13.15 25.29
N PRO C 175 -2.13 13.79 26.44
CA PRO C 175 -2.76 15.09 26.64
C PRO C 175 -2.32 16.14 25.59
N GLU C 176 -1.05 16.12 25.20
CA GLU C 176 -0.49 17.10 24.29
C GLU C 176 -1.06 17.00 22.89
N VAL C 177 -1.56 15.81 22.55
CA VAL C 177 -2.12 15.56 21.22
C VAL C 177 -3.56 16.05 21.20
N ILE C 178 -4.20 16.10 22.37
CA ILE C 178 -5.56 16.62 22.47
C ILE C 178 -5.62 18.17 22.33
N ARG C 179 -4.56 18.86 22.73
CA ARG C 179 -4.45 20.31 22.62
C ARG C 179 -3.33 20.72 21.63
N MET C 180 -3.67 21.58 20.67
CA MET C 180 -2.82 21.82 19.50
C MET C 180 -1.59 22.76 19.64
N GLN C 181 -0.57 22.48 18.81
CA GLN C 181 0.56 23.40 18.52
C GLN C 181 1.25 23.00 17.19
N ASN C 184 2.39 20.14 15.41
CA ASN C 184 2.49 18.69 15.40
C ASN C 184 3.03 18.16 16.76
N PRO C 185 2.13 17.66 17.63
CA PRO C 185 2.48 17.21 18.98
C PRO C 185 3.01 15.78 19.02
N TYR C 186 2.86 15.06 17.92
CA TYR C 186 3.20 13.65 17.89
C TYR C 186 4.69 13.42 17.99
N SER C 187 5.14 12.90 19.12
CA SER C 187 6.54 12.51 19.27
C SER C 187 6.61 10.99 19.41
N PHE C 188 7.78 10.48 19.75
CA PHE C 188 7.90 9.09 20.14
C PHE C 188 7.10 8.89 21.42
N GLN C 189 7.19 9.84 22.33
CA GLN C 189 6.45 9.75 23.61
C GLN C 189 4.96 9.97 23.44
N SER C 190 4.49 10.43 22.29
CA SER C 190 3.05 10.39 22.00
C SER C 190 2.62 8.93 21.78
N ASP C 191 3.49 8.14 21.14
CA ASP C 191 3.27 6.71 20.97
C ASP C 191 3.42 6.00 22.31
N VAL C 192 4.48 6.31 23.05
CA VAL C 192 4.71 5.63 24.33
C VAL C 192 3.51 5.73 25.26
N TYR C 193 2.86 6.89 25.26
CA TYR C 193 1.68 7.10 26.09
C TYR C 193 0.61 6.12 25.65
N ALA C 194 0.26 6.16 24.36
CA ALA C 194 -0.71 5.21 23.81
C ALA C 194 -0.44 3.78 24.27
N PHE C 195 0.82 3.38 24.21
CA PHE C 195 1.23 2.06 24.67
C PHE C 195 0.86 1.85 26.12
N GLY C 196 1.10 2.88 26.95
CA GLY C 196 0.73 2.86 28.36
C GLY C 196 -0.76 2.56 28.58
N ILE C 197 -1.61 3.09 27.71
CA ILE C 197 -3.04 2.85 27.80
C ILE C 197 -3.34 1.40 27.47
N VAL C 198 -2.67 0.86 26.46
CA VAL C 198 -2.82 -0.56 26.11
C VAL C 198 -2.39 -1.46 27.27
N LEU C 199 -1.25 -1.17 27.89
CA LEU C 199 -0.90 -1.86 29.14
C LEU C 199 -2.09 -1.80 30.12
N TYR C 200 -2.66 -0.62 30.30
CA TYR C 200 -3.81 -0.48 31.18
C TYR C 200 -4.97 -1.38 30.72
N GLU C 201 -5.23 -1.45 29.42
CA GLU C 201 -6.26 -2.35 28.90
C GLU C 201 -5.94 -3.81 29.21
N LEU C 202 -4.66 -4.16 29.04
CA LEU C 202 -4.19 -5.53 29.26
C LEU C 202 -4.27 -5.94 30.72
N MET C 203 -3.64 -5.14 31.58
CA MET C 203 -3.65 -5.42 33.00
C MET C 203 -5.01 -5.21 33.70
N THR C 204 -5.97 -4.52 33.08
CA THR C 204 -7.31 -4.39 33.70
C THR C 204 -8.43 -5.04 32.93
N GLY C 205 -8.20 -5.40 31.66
CA GLY C 205 -9.23 -6.01 30.82
C GLY C 205 -10.39 -5.07 30.51
N GLN C 206 -10.11 -3.77 30.68
CA GLN C 206 -11.12 -2.74 30.76
C GLN C 206 -10.53 -1.44 30.22
N LEU C 207 -11.28 -0.77 29.37
CA LEU C 207 -10.88 0.54 28.84
C LEU C 207 -10.75 1.54 29.97
N PRO C 208 -9.96 2.60 29.77
CA PRO C 208 -9.87 3.59 30.84
C PRO C 208 -11.05 4.54 30.84
N TYR C 209 -11.19 5.28 31.95
CA TYR C 209 -12.21 6.31 32.09
C TYR C 209 -13.62 5.73 31.96
N SER C 210 -13.84 4.59 32.62
CA SER C 210 -15.11 3.88 32.58
C SER C 210 -16.24 4.62 33.25
N ASN C 211 -15.92 5.27 34.38
CA ASN C 211 -16.93 6.03 35.14
C ASN C 211 -17.58 7.18 34.36
N ILE C 212 -16.79 7.83 33.51
CA ILE C 212 -17.24 8.96 32.69
C ILE C 212 -17.96 8.50 31.43
N ASN C 213 -19.10 9.10 31.13
CA ASN C 213 -19.93 8.70 29.99
C ASN C 213 -20.10 9.78 28.93
N ASN C 214 -19.21 10.75 28.94
CA ASN C 214 -19.32 11.89 28.07
C ASN C 214 -17.97 12.18 27.44
N ARG C 215 -17.91 11.99 26.12
CA ARG C 215 -16.69 12.16 25.33
C ARG C 215 -15.98 13.49 25.54
N ASP C 216 -16.69 14.59 25.26
CA ASP C 216 -16.14 15.94 25.41
C ASP C 216 -15.41 16.15 26.72
N GLN C 217 -16.04 15.69 27.80
CA GLN C 217 -15.49 15.86 29.12
C GLN C 217 -14.23 15.01 29.30
N ILE C 218 -14.19 13.85 28.65
CA ILE C 218 -13.01 13.01 28.72
C ILE C 218 -11.88 13.73 28.02
N ILE C 219 -12.19 14.26 26.83
CA ILE C 219 -11.20 14.97 26.01
C ILE C 219 -10.70 16.17 26.79
N PHE C 220 -11.65 16.90 27.37
CA PHE C 220 -11.36 18.09 28.15
C PHE C 220 -10.41 17.83 29.34
N MET C 221 -10.78 16.88 30.19
CA MET C 221 -10.07 16.66 31.44
C MET C 221 -8.72 16.06 31.21
N VAL C 222 -8.61 15.22 30.19
CA VAL C 222 -7.35 14.51 29.94
C VAL C 222 -6.33 15.52 29.53
N GLY C 223 -6.72 16.38 28.60
CA GLY C 223 -5.90 17.50 28.12
C GLY C 223 -5.64 18.57 29.16
N ARG C 224 -6.62 18.86 29.99
CA ARG C 224 -6.39 19.74 31.13
C ARG C 224 -5.46 19.12 32.21
N GLY C 225 -5.37 17.79 32.28
CA GLY C 225 -4.52 17.11 33.29
C GLY C 225 -5.30 16.57 34.48
N TYR C 226 -6.61 16.76 34.44
CA TYR C 226 -7.51 16.39 35.53
C TYR C 226 -7.75 14.91 35.60
N LEU C 227 -7.76 14.26 34.44
CA LEU C 227 -8.06 12.85 34.34
C LEU C 227 -6.81 12.03 34.13
N SER C 228 -6.73 10.90 34.83
CA SER C 228 -5.64 9.96 34.68
C SER C 228 -6.14 8.54 34.96
N PRO C 229 -5.84 7.57 34.09
CA PRO C 229 -6.33 6.20 34.27
C PRO C 229 -6.07 5.65 35.67
N ASP C 230 -7.06 4.95 36.21
CA ASP C 230 -7.05 4.48 37.61
C ASP C 230 -6.34 3.15 37.77
N LEU C 231 -5.06 3.21 38.13
CA LEU C 231 -4.20 2.03 38.14
C LEU C 231 -4.60 0.97 39.15
N SER C 232 -5.50 1.29 40.09
CA SER C 232 -5.90 0.32 41.10
C SER C 232 -6.82 -0.76 40.55
N LYS C 233 -7.17 -0.68 39.26
CA LYS C 233 -8.02 -1.69 38.65
C LYS C 233 -7.24 -2.88 38.09
N VAL C 234 -5.90 -2.82 38.14
CA VAL C 234 -5.06 -3.93 37.72
C VAL C 234 -5.40 -5.22 38.47
N ARG C 235 -5.08 -6.36 37.88
CA ARG C 235 -5.33 -7.65 38.53
C ARG C 235 -4.36 -7.88 39.67
N SER C 236 -4.79 -8.67 40.63
CA SER C 236 -4.03 -8.93 41.87
C SER C 236 -2.63 -9.50 41.61
N ASN C 237 -2.49 -10.36 40.59
CA ASN C 237 -1.17 -10.87 40.19
C ASN C 237 -0.49 -10.05 39.07
N CYS C 238 -0.83 -8.77 38.96
CA CYS C 238 -0.09 -7.86 38.08
C CYS C 238 1.16 -7.42 38.83
N PRO C 239 2.35 -7.65 38.25
CA PRO C 239 3.57 -7.18 38.95
C PRO C 239 3.59 -5.67 39.21
N LYS C 240 4.15 -5.28 40.36
CA LYS C 240 4.36 -3.84 40.68
C LYS C 240 5.42 -3.20 39.78
N ALA C 241 6.26 -4.05 39.19
CA ALA C 241 7.16 -3.60 38.16
C ALA C 241 6.35 -3.09 36.96
N MET C 242 5.23 -3.74 36.70
CA MET C 242 4.34 -3.35 35.60
C MET C 242 3.54 -2.10 35.96
N LYS C 243 3.06 -2.05 37.18
CA LYS C 243 2.30 -0.90 37.65
C LYS C 243 3.17 0.37 37.56
N ARG C 244 4.36 0.32 38.13
CA ARG C 244 5.27 1.46 38.10
C ARG C 244 5.64 1.85 36.66
N LEU C 245 5.78 0.85 35.79
CA LEU C 245 6.15 1.07 34.38
C LEU C 245 5.01 1.73 33.63
N MET C 246 3.82 1.18 33.82
CA MET C 246 2.59 1.67 33.23
C MET C 246 2.43 3.16 33.49
N ALA C 247 2.58 3.53 34.76
CA ALA C 247 2.45 4.91 35.21
C ALA C 247 3.49 5.80 34.55
N GLU C 248 4.68 5.26 34.36
CA GLU C 248 5.77 5.97 33.69
C GLU C 248 5.42 6.35 32.25
N CYS C 249 4.83 5.42 31.50
CA CYS C 249 4.41 5.67 30.12
C CYS C 249 3.25 6.64 30.03
N LEU C 250 2.45 6.71 31.08
CA LEU C 250 1.29 7.58 31.12
C LEU C 250 1.57 8.97 31.75
N LYS C 251 2.82 9.26 32.07
CA LYS C 251 3.15 10.53 32.71
C LYS C 251 2.81 11.71 31.79
N LYS C 252 1.94 12.59 32.28
CA LYS C 252 1.29 13.63 31.46
C LYS C 252 2.26 14.61 30.82
N LYS C 253 3.42 14.80 31.47
CA LYS C 253 4.50 15.61 30.92
C LYS C 253 5.39 14.74 30.06
N ARG C 254 5.41 15.08 28.77
CA ARG C 254 5.99 14.27 27.72
C ARG C 254 7.43 13.86 28.02
N ASP C 255 8.26 14.86 28.32
CA ASP C 255 9.69 14.63 28.56
C ASP C 255 9.98 13.57 29.63
N GLU C 256 8.98 13.22 30.42
CA GLU C 256 9.16 12.28 31.54
C GLU C 256 8.81 10.82 31.21
N ARG C 257 8.26 10.59 30.02
CA ARG C 257 7.91 9.24 29.55
C ARG C 257 9.14 8.53 29.00
N PRO C 258 9.28 7.22 29.25
CA PRO C 258 10.44 6.50 28.75
C PRO C 258 10.31 6.21 27.26
N LEU C 259 11.41 5.83 26.61
CA LEU C 259 11.37 5.34 25.24
C LEU C 259 11.47 3.82 25.23
N PHE C 260 11.09 3.20 24.12
CA PHE C 260 10.86 1.76 24.10
C PHE C 260 12.04 0.84 24.43
N PRO C 261 13.27 1.19 24.00
CA PRO C 261 14.43 0.50 24.55
C PRO C 261 14.35 0.30 26.08
N GLN C 262 14.04 1.37 26.81
CA GLN C 262 13.85 1.28 28.27
C GLN C 262 12.59 0.48 28.67
N ILE C 263 11.50 0.69 27.92
CA ILE C 263 10.23 0.02 28.20
C ILE C 263 10.36 -1.48 28.04
N LEU C 264 11.09 -1.89 27.00
CA LEU C 264 11.27 -3.29 26.68
C LEU C 264 12.13 -3.96 27.75
N ALA C 265 13.27 -3.33 28.04
CA ALA C 265 14.17 -3.79 29.11
C ALA C 265 13.41 -4.20 30.35
N SER C 266 12.47 -3.35 30.75
CA SER C 266 11.69 -3.55 31.95
C SER C 266 10.75 -4.74 31.84
N ILE C 267 10.02 -4.82 30.74
CA ILE C 267 9.07 -5.93 30.57
C ILE C 267 9.87 -7.23 30.53
N GLU C 268 10.85 -7.31 29.63
CA GLU C 268 11.69 -8.49 29.53
C GLU C 268 12.20 -8.89 30.92
N LEU C 269 12.63 -7.90 31.71
CA LEU C 269 13.08 -8.13 33.08
C LEU C 269 11.98 -8.71 33.98
N LEU C 270 10.83 -8.03 34.04
CA LEU C 270 9.73 -8.47 34.91
C LEU C 270 9.20 -9.85 34.50
N ALA C 271 9.22 -10.16 33.20
CA ALA C 271 8.73 -11.46 32.68
C ALA C 271 9.49 -12.64 33.27
N ARG C 272 10.79 -12.48 33.44
CA ARG C 272 11.66 -13.51 34.00
C ARG C 272 11.60 -13.54 35.54
N SER C 273 10.54 -13.01 36.14
CA SER C 273 10.44 -12.92 37.60
C SER C 273 9.11 -13.39 38.19
N LEU C 274 8.32 -14.15 37.41
CA LEU C 274 6.99 -14.61 37.85
C LEU C 274 6.73 -16.11 37.61
N PRO C 275 5.81 -16.70 38.40
CA PRO C 275 5.33 -18.06 38.11
C PRO C 275 4.39 -18.07 36.90
#